data_7R3J
#
_entry.id   7R3J
#
_cell.length_a   159.256
_cell.length_b   159.256
_cell.length_c   284.100
_cell.angle_alpha   90.000
_cell.angle_beta   90.000
_cell.angle_gamma   90.000
#
_symmetry.space_group_name_H-M   'I 4 2 2'
#
loop_
_entity.id
_entity.type
_entity.pdbx_description
1 polymer '2-aminobenzoylacetyl-CoA thioesterase'
2 polymer 'Regulatory protein RhlR'
3 non-polymer 'FE (III) ION'
4 non-polymer 4-(3-bromophenoxy)-N-[(3S)-2-oxothiolan-3-yl]butanamide
5 water water
#
loop_
_entity_poly.entity_id
_entity_poly.type
_entity_poly.pdbx_seq_one_letter_code
_entity_poly.pdbx_strand_id
1 'polypeptide(L)'
;MGHHHHHHAENLYFQGHMLRLSAPGQLDDDLCLLGDVQVPVFLLRLGEASWALVEGGISRDAELVWADLCRWVADPSQVH
YWLITHKHYDHCGLLPYLCPRLPNVQVLASERTCQAWKSESAVRVVERLNRQLLRAEQRLPEACAWDALPVRAVADGEWL
ELGPRHRLQVIEAHGHSDDHVVFYDVRRRRLFCGDALGEFDEAEGVWRPLVFDDMEAYLESLERLQRLPTLLQLIPGHGG
LLRGRLAADGAESAYTECLRLCRRLLWRQSMGESLDELSEELHRAWGGQSVDFLPGELHLGSMRRMLEILSRQALPLD
;
A,B
2 'polypeptide(L)'
;MRNDGGFLLWWDGLRSEMQPIHDSQGVFAVLEKEVRRLGFDYYAYGVRHTIPFTRPKTEVHGTYPKAWLERYQMQNYGAV
DPAILNGLRSSEMVVWSDSLFDQSRMLWNEARDWGLCVGATLPIRAPNNLLSVLSVARDQQNISSFEREEIRLRLRCMIE
LLTQKLTDLEHPMLMSNPVCLSHREREILQWTADGKSSGEIAIILSISESTVNFHHKNIQKKFDAPNKTLAAAYAAALGL
I
;
C,D
#
loop_
_chem_comp.id
_chem_comp.type
_chem_comp.name
_chem_comp.formula
FE non-polymer 'FE (III) ION' 'Fe 3'
K5G non-polymer 4-(3-bromophenoxy)-N-[(3S)-2-oxothiolan-3-yl]butanamide 'C14 H16 Br N O3 S'
#
# COMPACT_ATOMS: atom_id res chain seq x y z
N GLN A 15 9.81 -11.52 37.46
CA GLN A 15 10.54 -10.71 36.44
C GLN A 15 11.48 -11.59 35.64
N GLY A 16 12.17 -11.04 34.66
CA GLY A 16 13.17 -11.83 33.98
C GLY A 16 13.65 -11.25 32.69
N HIS A 17 14.82 -11.74 32.26
CA HIS A 17 15.36 -11.51 30.94
C HIS A 17 14.61 -12.27 29.85
N MET A 18 13.87 -13.32 30.23
CA MET A 18 13.25 -14.22 29.27
C MET A 18 12.22 -13.47 28.42
N LEU A 19 11.91 -14.05 27.27
CA LEU A 19 10.90 -13.51 26.38
C LEU A 19 9.55 -14.19 26.54
N ARG A 20 9.51 -15.38 27.13
CA ARG A 20 8.26 -16.09 27.37
C ARG A 20 8.27 -16.60 28.80
N LEU A 21 7.25 -16.23 29.56
CA LEU A 21 7.04 -16.74 30.91
C LEU A 21 5.98 -17.83 30.84
N SER A 22 6.36 -19.05 31.23
CA SER A 22 5.53 -20.23 31.02
C SER A 22 5.67 -21.16 32.23
N ALA A 23 5.27 -20.66 33.40
CA ALA A 23 5.36 -21.42 34.62
C ALA A 23 4.23 -20.95 35.52
N PRO A 24 3.48 -21.85 36.15
CA PRO A 24 2.51 -21.42 37.15
C PRO A 24 3.16 -20.51 38.18
N GLY A 25 2.38 -19.57 38.69
CA GLY A 25 2.86 -18.62 39.68
C GLY A 25 2.73 -17.19 39.19
N GLN A 26 3.39 -16.29 39.91
CA GLN A 26 3.29 -14.88 39.58
C GLN A 26 3.96 -14.58 38.24
N LEU A 27 3.30 -13.75 37.44
CA LEU A 27 3.84 -13.31 36.16
C LEU A 27 4.23 -11.83 36.15
N ASP A 28 3.46 -10.99 36.83
CA ASP A 28 3.76 -9.57 36.94
C ASP A 28 3.29 -9.08 38.32
N ASP A 29 3.46 -7.78 38.56
CA ASP A 29 3.13 -7.21 39.85
C ASP A 29 1.65 -7.29 40.19
N ASP A 30 0.81 -7.72 39.25
CA ASP A 30 -0.62 -7.85 39.49
C ASP A 30 -1.21 -9.13 38.91
N LEU A 31 -0.42 -9.95 38.21
CA LEU A 31 -0.92 -11.05 37.42
C LEU A 31 -0.32 -12.37 37.91
N CYS A 32 -1.12 -13.42 37.81
CA CYS A 32 -0.65 -14.77 38.13
C CYS A 32 -1.23 -15.76 37.13
N LEU A 33 -0.45 -16.79 36.82
CA LEU A 33 -0.90 -17.90 35.99
C LEU A 33 -1.21 -19.08 36.90
N LEU A 34 -2.42 -19.64 36.76
CA LEU A 34 -2.92 -20.69 37.62
C LEU A 34 -3.21 -21.92 36.78
N GLY A 35 -2.88 -23.08 37.34
CA GLY A 35 -3.18 -24.35 36.71
C GLY A 35 -2.10 -24.82 35.77
N ASP A 36 -2.50 -25.42 34.66
CA ASP A 36 -1.57 -25.92 33.66
C ASP A 36 -1.25 -24.83 32.66
N VAL A 37 0.05 -24.62 32.40
CA VAL A 37 0.46 -23.59 31.45
C VAL A 37 -0.14 -23.83 30.07
N GLN A 38 -0.55 -25.07 29.78
CA GLN A 38 -1.18 -25.35 28.49
C GLN A 38 -2.56 -24.69 28.42
N VAL A 39 -3.38 -24.89 29.45
CA VAL A 39 -4.71 -24.29 29.52
C VAL A 39 -4.77 -23.42 30.77
N PRO A 40 -4.07 -22.29 30.79
CA PRO A 40 -3.95 -21.51 32.03
C PRO A 40 -5.19 -20.70 32.34
N VAL A 41 -5.29 -20.29 33.60
CA VAL A 41 -6.27 -19.30 34.04
C VAL A 41 -5.52 -18.16 34.70
N PHE A 42 -5.82 -16.93 34.30
CA PHE A 42 -5.05 -15.79 34.75
C PHE A 42 -5.79 -15.03 35.85
N LEU A 43 -5.05 -14.57 36.85
CA LEU A 43 -5.60 -13.94 38.04
C LEU A 43 -5.04 -12.52 38.16
N LEU A 44 -5.94 -11.56 38.30
CA LEU A 44 -5.61 -10.14 38.43
C LEU A 44 -6.01 -9.66 39.82
N ARG A 45 -5.12 -8.93 40.48
CA ARG A 45 -5.38 -8.35 41.80
C ARG A 45 -5.85 -6.91 41.62
N LEU A 46 -7.17 -6.71 41.65
CA LEU A 46 -7.71 -5.36 41.48
C LEU A 46 -7.51 -4.51 42.73
N GLY A 47 -7.42 -5.14 43.89
CA GLY A 47 -7.20 -4.40 45.12
C GLY A 47 -6.82 -5.33 46.24
N GLU A 48 -6.85 -4.80 47.46
CA GLU A 48 -6.50 -5.60 48.62
C GLU A 48 -7.46 -6.78 48.78
N ALA A 49 -8.75 -6.56 48.52
CA ALA A 49 -9.78 -7.57 48.65
C ALA A 49 -10.68 -7.59 47.43
N SER A 50 -10.07 -7.52 46.26
CA SER A 50 -10.83 -7.60 45.00
C SER A 50 -9.93 -8.27 43.96
N TRP A 51 -10.48 -9.29 43.29
CA TRP A 51 -9.73 -10.08 42.34
C TRP A 51 -10.59 -10.36 41.13
N ALA A 52 -9.92 -10.71 40.02
CA ALA A 52 -10.61 -11.06 38.78
C ALA A 52 -9.89 -12.20 38.09
N LEU A 53 -10.63 -12.98 37.31
CA LEU A 53 -10.09 -14.08 36.54
C LEU A 53 -10.20 -13.79 35.05
N VAL A 54 -9.40 -14.51 34.28
CA VAL A 54 -9.36 -14.39 32.82
C VAL A 54 -9.11 -15.78 32.24
N GLU A 55 -9.85 -16.11 31.18
CA GLU A 55 -9.81 -17.41 30.52
C GLU A 55 -10.47 -18.49 31.38
N GLY A 56 -11.28 -19.34 30.77
CA GLY A 56 -12.07 -20.31 31.52
C GLY A 56 -11.47 -21.70 31.56
N GLY A 57 -10.38 -21.92 30.81
CA GLY A 57 -9.68 -23.18 30.85
C GLY A 57 -10.59 -24.35 30.51
N ILE A 58 -10.20 -25.53 31.02
CA ILE A 58 -10.92 -26.77 30.77
C ILE A 58 -11.46 -27.30 32.09
N SER A 59 -12.38 -28.26 31.96
CA SER A 59 -13.07 -28.80 33.14
C SER A 59 -12.10 -29.53 34.06
N ARG A 60 -11.28 -30.42 33.51
CA ARG A 60 -10.55 -31.39 34.33
C ARG A 60 -9.51 -30.74 35.24
N ASP A 61 -9.25 -29.45 35.11
CA ASP A 61 -8.31 -28.76 35.98
C ASP A 61 -8.98 -28.09 37.17
N ALA A 62 -10.28 -28.32 37.36
CA ALA A 62 -11.03 -27.58 38.37
C ALA A 62 -10.36 -27.66 39.74
N GLU A 63 -9.97 -28.86 40.15
CA GLU A 63 -9.39 -29.03 41.49
C GLU A 63 -7.94 -28.56 41.56
N LEU A 64 -7.25 -28.45 40.42
CA LEU A 64 -5.90 -27.89 40.43
C LEU A 64 -5.96 -26.36 40.54
N VAL A 65 -6.65 -25.73 39.59
CA VAL A 65 -6.80 -24.27 39.62
C VAL A 65 -7.21 -23.81 41.01
N TRP A 66 -8.35 -24.34 41.50
CA TRP A 66 -8.82 -23.99 42.83
C TRP A 66 -7.67 -23.96 43.82
N ALA A 67 -6.93 -25.07 43.92
CA ALA A 67 -5.79 -25.11 44.83
C ALA A 67 -4.91 -23.87 44.64
N ASP A 68 -4.34 -23.73 43.43
CA ASP A 68 -3.52 -22.57 43.13
C ASP A 68 -4.22 -21.28 43.55
N LEU A 69 -5.49 -21.14 43.16
CA LEU A 69 -6.24 -19.93 43.47
C LEU A 69 -6.17 -19.60 44.96
N CYS A 70 -6.40 -20.60 45.80
CA CYS A 70 -6.48 -20.34 47.23
C CYS A 70 -5.13 -19.95 47.83
N ARG A 71 -4.02 -20.20 47.11
CA ARG A 71 -2.73 -19.74 47.60
C ARG A 71 -2.68 -18.22 47.63
N TRP A 72 -3.32 -17.58 46.64
CA TRP A 72 -3.16 -16.14 46.46
C TRP A 72 -4.26 -15.35 47.16
N VAL A 73 -5.50 -15.86 47.16
CA VAL A 73 -6.63 -15.15 47.73
C VAL A 73 -6.99 -15.76 49.07
N ALA A 74 -7.13 -14.91 50.09
CA ALA A 74 -7.53 -15.40 51.40
C ALA A 74 -9.01 -15.77 51.43
N ASP A 75 -9.82 -15.15 50.58
CA ASP A 75 -11.26 -15.39 50.58
C ASP A 75 -11.78 -15.53 49.15
N PRO A 76 -12.43 -16.64 48.81
CA PRO A 76 -13.00 -16.77 47.46
C PRO A 76 -14.09 -15.76 47.16
N SER A 77 -14.72 -15.19 48.18
CA SER A 77 -15.74 -14.16 47.97
C SER A 77 -15.15 -12.86 47.42
N GLN A 78 -13.82 -12.71 47.45
CA GLN A 78 -13.16 -11.52 46.92
C GLN A 78 -12.92 -11.61 45.42
N VAL A 79 -13.33 -12.70 44.77
CA VAL A 79 -13.28 -12.81 43.33
C VAL A 79 -14.57 -12.21 42.78
N HIS A 80 -14.45 -11.09 42.06
CA HIS A 80 -15.61 -10.31 41.66
C HIS A 80 -15.91 -10.36 40.17
N TYR A 81 -14.94 -10.72 39.33
CA TYR A 81 -15.14 -10.74 37.89
C TYR A 81 -14.38 -11.92 37.28
N TRP A 82 -14.95 -12.45 36.20
CA TRP A 82 -14.32 -13.53 35.44
C TRP A 82 -14.52 -13.25 33.96
N LEU A 83 -13.42 -13.04 33.25
CA LEU A 83 -13.46 -12.65 31.84
C LEU A 83 -13.27 -13.89 30.97
N ILE A 84 -14.10 -14.01 29.94
CA ILE A 84 -14.09 -15.16 29.05
C ILE A 84 -13.99 -14.66 27.62
N THR A 85 -13.05 -15.21 26.85
CA THR A 85 -12.85 -14.76 25.49
C THR A 85 -13.96 -15.27 24.56
N HIS A 86 -14.21 -16.57 24.56
CA HIS A 86 -15.19 -17.13 23.63
C HIS A 86 -15.78 -18.41 24.21
N LYS A 87 -16.51 -19.14 23.37
CA LYS A 87 -17.40 -20.21 23.82
C LYS A 87 -16.79 -21.61 23.74
N HIS A 88 -15.78 -21.81 22.88
CA HIS A 88 -15.22 -23.14 22.66
C HIS A 88 -15.00 -23.87 23.97
N TYR A 89 -15.14 -25.21 23.94
CA TYR A 89 -15.12 -26.00 25.16
C TYR A 89 -13.90 -25.72 26.03
N ASP A 90 -12.79 -25.30 25.42
CA ASP A 90 -11.51 -25.18 26.12
C ASP A 90 -11.26 -23.80 26.71
N HIS A 91 -12.29 -22.95 26.81
CA HIS A 91 -12.14 -21.65 27.44
C HIS A 91 -13.35 -21.28 28.30
N CYS A 92 -14.13 -22.27 28.74
CA CYS A 92 -15.27 -22.00 29.59
C CYS A 92 -15.66 -23.18 30.47
N GLY A 93 -14.95 -24.31 30.40
CA GLY A 93 -15.36 -25.52 31.09
C GLY A 93 -15.21 -25.49 32.59
N LEU A 94 -14.51 -24.49 33.13
CA LEU A 94 -14.38 -24.38 34.58
C LEU A 94 -15.53 -23.62 35.22
N LEU A 95 -16.29 -22.85 34.44
CA LEU A 95 -17.34 -22.02 35.02
C LEU A 95 -18.34 -22.83 35.84
N PRO A 96 -18.97 -23.88 35.29
CA PRO A 96 -20.01 -24.57 36.07
C PRO A 96 -19.51 -25.15 37.37
N TYR A 97 -18.22 -25.47 37.46
CA TYR A 97 -17.69 -26.17 38.62
C TYR A 97 -17.20 -25.23 39.70
N LEU A 98 -16.59 -24.11 39.33
CA LEU A 98 -15.99 -23.20 40.30
C LEU A 98 -16.85 -21.99 40.61
N CYS A 99 -17.73 -21.57 39.70
CA CYS A 99 -18.66 -20.49 40.04
C CYS A 99 -19.45 -20.78 41.30
N PRO A 100 -19.87 -22.02 41.59
CA PRO A 100 -20.52 -22.30 42.88
C PRO A 100 -19.66 -21.98 44.08
N ARG A 101 -18.35 -21.84 43.92
CA ARG A 101 -17.45 -21.50 45.02
C ARG A 101 -17.03 -20.04 45.01
N LEU A 102 -17.44 -19.27 44.00
CA LEU A 102 -17.14 -17.85 43.89
C LEU A 102 -18.47 -17.09 43.92
N PRO A 103 -19.00 -16.81 45.12
CA PRO A 103 -20.36 -16.23 45.18
C PRO A 103 -20.45 -14.83 44.58
N ASN A 104 -19.36 -14.05 44.61
CA ASN A 104 -19.39 -12.64 44.24
C ASN A 104 -18.95 -12.39 42.81
N VAL A 105 -18.94 -13.42 41.96
CA VAL A 105 -18.29 -13.34 40.65
C VAL A 105 -19.33 -13.01 39.58
N GLN A 106 -18.95 -12.11 38.67
CA GLN A 106 -19.64 -11.91 37.41
C GLN A 106 -18.84 -12.55 36.29
N VAL A 107 -19.46 -13.43 35.53
CA VAL A 107 -18.89 -13.86 34.26
C VAL A 107 -19.14 -12.76 33.24
N LEU A 108 -18.13 -12.43 32.45
CA LEU A 108 -18.22 -11.40 31.42
C LEU A 108 -17.83 -12.01 30.09
N ALA A 109 -18.77 -12.01 29.15
CA ALA A 109 -18.55 -12.59 27.83
C ALA A 109 -19.36 -11.82 26.80
N SER A 110 -19.09 -12.10 25.53
CA SER A 110 -19.84 -11.46 24.46
C SER A 110 -21.23 -12.07 24.36
N GLU A 111 -22.17 -11.28 23.83
CA GLU A 111 -23.56 -11.72 23.81
C GLU A 111 -23.72 -13.03 23.05
N ARG A 112 -22.97 -13.20 21.95
CA ARG A 112 -22.97 -14.49 21.26
C ARG A 112 -22.47 -15.60 22.19
N THR A 113 -21.41 -15.31 22.95
CA THR A 113 -20.89 -16.30 23.90
C THR A 113 -21.86 -16.51 25.06
N CYS A 114 -22.46 -15.43 25.55
CA CYS A 114 -23.46 -15.57 26.62
C CYS A 114 -24.60 -16.47 26.17
N GLN A 115 -25.12 -16.24 24.96
CA GLN A 115 -26.27 -16.99 24.48
C GLN A 115 -25.89 -18.43 24.15
N ALA A 116 -24.63 -18.67 23.77
CA ALA A 116 -24.19 -20.05 23.53
C ALA A 116 -24.46 -20.93 24.75
N TRP A 117 -24.18 -20.42 25.95
CA TRP A 117 -24.39 -21.20 27.16
C TRP A 117 -25.86 -21.53 27.38
N LYS A 118 -26.77 -20.79 26.73
CA LYS A 118 -28.19 -21.14 26.82
C LYS A 118 -28.57 -22.22 25.82
N SER A 119 -27.85 -22.32 24.71
CA SER A 119 -28.21 -23.25 23.64
C SER A 119 -27.79 -24.66 24.02
N GLU A 120 -28.77 -25.47 24.42
CA GLU A 120 -28.64 -26.88 24.72
C GLU A 120 -27.59 -27.64 23.91
N SER A 121 -27.64 -27.54 22.58
CA SER A 121 -26.70 -28.30 21.75
C SER A 121 -25.26 -27.86 22.01
N ALA A 122 -25.02 -26.54 22.03
CA ALA A 122 -23.67 -26.02 22.25
C ALA A 122 -23.10 -26.53 23.57
N VAL A 123 -23.85 -26.38 24.65
CA VAL A 123 -23.35 -26.82 25.96
C VAL A 123 -23.17 -28.33 25.98
N ARG A 124 -23.94 -29.07 25.18
CA ARG A 124 -23.72 -30.50 25.10
C ARG A 124 -22.36 -30.80 24.46
N VAL A 125 -22.02 -30.09 23.38
CA VAL A 125 -20.70 -30.26 22.77
C VAL A 125 -19.61 -29.92 23.78
N VAL A 126 -19.80 -28.83 24.50
CA VAL A 126 -18.85 -28.42 25.55
C VAL A 126 -18.67 -29.55 26.55
N GLU A 127 -19.78 -29.99 27.16
CA GLU A 127 -19.74 -31.01 28.20
C GLU A 127 -19.09 -32.28 27.69
N ARG A 128 -19.43 -32.69 26.46
CA ARG A 128 -18.85 -33.90 25.91
C ARG A 128 -17.34 -33.76 25.79
N LEU A 129 -16.87 -32.76 25.04
CA LEU A 129 -15.44 -32.62 24.82
C LEU A 129 -14.68 -32.45 26.12
N ASN A 130 -15.29 -31.84 27.14
CA ASN A 130 -14.61 -31.64 28.41
C ASN A 130 -14.71 -32.86 29.33
N ARG A 131 -15.70 -33.72 29.12
CA ARG A 131 -15.82 -34.97 29.84
C ARG A 131 -14.85 -36.03 29.32
N GLN A 132 -14.29 -35.80 28.14
CA GLN A 132 -13.41 -36.74 27.44
C GLN A 132 -11.94 -36.56 27.80
N LEU A 133 -11.62 -35.62 28.67
CA LEU A 133 -10.25 -35.27 28.98
C LEU A 133 -9.93 -35.49 30.45
N LEU A 134 -10.45 -36.57 31.00
CA LEU A 134 -10.25 -36.89 32.40
C LEU A 134 -9.10 -37.87 32.54
N ARG A 135 -8.68 -38.06 33.78
CA ARG A 135 -7.50 -38.86 34.11
C ARG A 135 -7.99 -40.17 34.73
N ALA A 136 -8.19 -41.17 33.89
CA ALA A 136 -8.58 -42.50 34.35
C ALA A 136 -9.81 -42.45 35.25
N GLU A 137 -9.61 -42.24 36.54
CA GLU A 137 -10.69 -42.28 37.52
C GLU A 137 -10.98 -40.89 38.10
N GLN A 138 -10.92 -39.86 37.26
CA GLN A 138 -11.16 -38.51 37.75
C GLN A 138 -12.59 -38.37 38.26
N ARG A 139 -12.74 -37.65 39.37
CA ARG A 139 -14.04 -37.44 39.99
C ARG A 139 -14.41 -35.97 39.81
N LEU A 140 -15.24 -35.69 38.82
CA LEU A 140 -15.77 -34.34 38.65
C LEU A 140 -16.54 -33.94 39.91
N PRO A 141 -16.42 -32.69 40.35
CA PRO A 141 -17.28 -32.20 41.43
C PRO A 141 -18.63 -31.75 40.89
N GLU A 142 -19.54 -31.39 41.79
CA GLU A 142 -20.86 -30.98 41.37
C GLU A 142 -20.78 -29.74 40.48
N ALA A 143 -21.82 -29.56 39.65
CA ALA A 143 -21.84 -28.53 38.64
C ALA A 143 -23.22 -27.88 38.61
N CYS A 144 -23.25 -26.60 38.27
CA CYS A 144 -24.50 -25.87 38.11
C CYS A 144 -24.80 -25.68 36.63
N ALA A 145 -26.00 -25.20 36.35
CA ALA A 145 -26.48 -25.12 34.98
C ALA A 145 -25.72 -24.03 34.21
N TRP A 146 -25.70 -24.19 32.88
CA TRP A 146 -25.04 -23.20 32.04
C TRP A 146 -25.84 -21.91 31.96
N ASP A 147 -27.16 -22.02 31.95
CA ASP A 147 -28.02 -20.84 31.98
C ASP A 147 -28.21 -20.27 33.39
N ALA A 148 -27.61 -20.90 34.40
CA ALA A 148 -27.66 -20.40 35.77
C ALA A 148 -26.43 -19.60 36.16
N LEU A 149 -25.47 -19.45 35.24
CA LEU A 149 -24.26 -18.72 35.55
C LEU A 149 -24.56 -17.25 35.81
N PRO A 150 -23.75 -16.57 36.64
CA PRO A 150 -23.95 -15.13 36.90
C PRO A 150 -23.28 -14.27 35.83
N VAL A 151 -23.94 -14.17 34.68
CA VAL A 151 -23.34 -13.61 33.48
C VAL A 151 -23.84 -12.20 33.25
N ARG A 152 -22.96 -11.32 32.77
CA ARG A 152 -23.31 -10.02 32.23
C ARG A 152 -22.68 -9.91 30.85
N ALA A 153 -23.50 -9.61 29.84
CA ALA A 153 -23.01 -9.52 28.47
C ALA A 153 -22.28 -8.20 28.24
N VAL A 154 -21.18 -8.26 27.50
CA VAL A 154 -20.40 -7.06 27.17
C VAL A 154 -20.43 -6.84 25.67
N ALA A 155 -20.11 -5.62 25.27
CA ALA A 155 -20.20 -5.19 23.88
C ALA A 155 -18.84 -4.71 23.39
N ASP A 156 -18.73 -4.57 22.08
CA ASP A 156 -17.48 -4.13 21.47
C ASP A 156 -17.13 -2.72 21.96
N GLY A 157 -15.92 -2.58 22.50
CA GLY A 157 -15.43 -1.29 22.94
C GLY A 157 -15.80 -0.91 24.35
N GLU A 158 -16.54 -1.75 25.07
CA GLU A 158 -16.93 -1.40 26.43
C GLU A 158 -15.71 -1.32 27.33
N TRP A 159 -15.74 -0.37 28.27
CA TRP A 159 -14.70 -0.22 29.27
C TRP A 159 -15.14 -0.91 30.55
N LEU A 160 -14.36 -1.89 30.98
CA LEU A 160 -14.66 -2.68 32.18
C LEU A 160 -13.86 -2.09 33.34
N GLU A 161 -14.55 -1.33 34.21
CA GLU A 161 -13.93 -0.76 35.40
C GLU A 161 -13.82 -1.82 36.48
N LEU A 162 -12.91 -2.76 36.24
CA LEU A 162 -12.70 -3.85 37.19
C LEU A 162 -12.16 -3.33 38.51
N GLY A 163 -11.13 -2.50 38.45
CA GLY A 163 -10.55 -1.92 39.64
C GLY A 163 -10.05 -0.53 39.40
N PRO A 164 -9.54 0.12 40.44
CA PRO A 164 -9.03 1.49 40.27
C PRO A 164 -7.93 1.58 39.23
N ARG A 165 -7.04 0.60 39.19
CA ARG A 165 -5.91 0.60 38.26
C ARG A 165 -6.00 -0.60 37.34
N HIS A 166 -7.22 -0.94 36.93
CA HIS A 166 -7.47 -2.02 35.99
C HIS A 166 -8.65 -1.59 35.14
N ARG A 167 -8.36 -1.00 33.98
CA ARG A 167 -9.38 -0.51 33.06
C ARG A 167 -9.16 -1.24 31.74
N LEU A 168 -9.93 -2.29 31.50
CA LEU A 168 -9.77 -3.12 30.31
C LEU A 168 -10.88 -2.82 29.30
N GLN A 169 -10.50 -2.74 28.03
CA GLN A 169 -11.43 -2.53 26.94
C GLN A 169 -11.73 -3.85 26.25
N VAL A 170 -12.98 -4.03 25.84
CA VAL A 170 -13.39 -5.20 25.08
C VAL A 170 -13.26 -4.88 23.59
N ILE A 171 -12.74 -5.83 22.82
CA ILE A 171 -12.57 -5.63 21.38
C ILE A 171 -13.04 -6.89 20.66
N GLU A 172 -13.97 -6.72 19.71
CA GLU A 172 -14.47 -7.85 18.95
C GLU A 172 -13.38 -8.41 18.04
N ALA A 173 -13.15 -9.71 18.12
CA ALA A 173 -12.11 -10.39 17.35
C ALA A 173 -12.68 -11.62 16.66
N HIS A 174 -13.83 -11.45 16.00
CA HIS A 174 -14.42 -12.56 15.26
C HIS A 174 -13.43 -13.09 14.23
N GLY A 175 -13.71 -14.29 13.75
CA GLY A 175 -12.81 -14.96 12.83
C GLY A 175 -12.46 -16.35 13.30
N HIS A 176 -11.73 -16.43 14.43
CA HIS A 176 -11.51 -17.71 15.07
C HIS A 176 -12.84 -18.41 15.37
N SER A 177 -13.79 -17.65 15.92
CA SER A 177 -15.16 -18.11 16.08
C SER A 177 -16.09 -16.93 15.87
N ASP A 178 -17.37 -17.23 15.68
CA ASP A 178 -18.37 -16.18 15.45
C ASP A 178 -18.70 -15.37 16.71
N ASP A 179 -17.89 -15.48 17.76
CA ASP A 179 -18.16 -14.78 19.02
C ASP A 179 -16.89 -14.27 19.71
N HIS A 180 -15.71 -14.52 19.16
CA HIS A 180 -14.47 -14.27 19.88
C HIS A 180 -14.29 -12.78 20.18
N VAL A 181 -13.84 -12.50 21.40
CA VAL A 181 -13.50 -11.14 21.83
C VAL A 181 -12.22 -11.21 22.63
N VAL A 182 -11.53 -10.07 22.71
CA VAL A 182 -10.26 -9.96 23.42
C VAL A 182 -10.32 -8.76 24.34
N PHE A 183 -9.36 -8.72 25.29
CA PHE A 183 -9.37 -7.71 26.34
C PHE A 183 -8.03 -6.98 26.37
N TYR A 184 -8.10 -5.65 26.33
CA TYR A 184 -6.90 -4.81 26.28
C TYR A 184 -6.83 -3.99 27.57
N ASP A 185 -5.87 -4.34 28.44
CA ASP A 185 -5.50 -3.53 29.58
C ASP A 185 -4.56 -2.44 29.07
N VAL A 186 -5.10 -1.24 28.89
CA VAL A 186 -4.33 -0.19 28.22
C VAL A 186 -3.26 0.41 29.13
N ARG A 187 -3.46 0.37 30.45
CA ARG A 187 -2.48 0.96 31.35
C ARG A 187 -1.14 0.26 31.23
N ARG A 188 -1.16 -1.07 31.15
CA ARG A 188 0.05 -1.88 31.04
C ARG A 188 0.31 -2.34 29.61
N ARG A 189 -0.47 -1.86 28.64
CA ARG A 189 -0.33 -2.28 27.25
C ARG A 189 -0.28 -3.81 27.17
N ARG A 190 -1.24 -4.43 27.83
CA ARG A 190 -1.34 -5.88 27.96
C ARG A 190 -2.58 -6.34 27.22
N LEU A 191 -2.46 -7.40 26.42
CA LEU A 191 -3.57 -7.87 25.60
C LEU A 191 -3.82 -9.36 25.88
N PHE A 192 -4.97 -9.66 26.49
CA PHE A 192 -5.48 -11.03 26.51
C PHE A 192 -6.15 -11.30 25.17
N CYS A 193 -5.52 -12.14 24.35
CA CYS A 193 -5.93 -12.36 22.98
C CYS A 193 -6.50 -13.74 22.71
N GLY A 194 -6.53 -14.61 23.70
CA GLY A 194 -7.11 -15.94 23.50
C GLY A 194 -6.53 -16.64 22.29
N ASP A 195 -7.40 -17.09 21.40
CA ASP A 195 -7.01 -17.80 20.19
C ASP A 195 -7.08 -16.94 18.94
N ALA A 196 -7.44 -15.65 19.06
CA ALA A 196 -7.61 -14.81 17.88
C ALA A 196 -6.32 -14.66 17.08
N LEU A 197 -5.17 -14.85 17.71
CA LEU A 197 -3.92 -14.90 16.97
C LEU A 197 -3.51 -16.33 16.61
N GLY A 198 -3.93 -17.30 17.41
CA GLY A 198 -3.66 -18.69 17.10
C GLY A 198 -2.95 -19.44 18.21
N GLU A 199 -2.31 -20.55 17.84
CA GLU A 199 -1.56 -21.38 18.78
C GLU A 199 -0.08 -21.08 18.59
N PHE A 200 0.54 -20.52 19.61
CA PHE A 200 1.95 -20.16 19.51
C PHE A 200 2.81 -21.41 19.45
N ASP A 201 3.67 -21.49 18.44
CA ASP A 201 4.55 -22.64 18.27
C ASP A 201 5.71 -22.49 19.24
N GLU A 202 5.71 -23.31 20.30
CA GLU A 202 6.74 -23.21 21.33
C GLU A 202 8.11 -23.65 20.83
N ALA A 203 8.17 -24.42 19.74
CA ALA A 203 9.43 -24.95 19.25
C ALA A 203 10.08 -24.09 18.18
N GLU A 204 9.31 -23.25 17.50
CA GLU A 204 9.81 -22.43 16.41
C GLU A 204 9.69 -20.94 16.64
N GLY A 205 8.70 -20.50 17.42
CA GLY A 205 8.54 -19.09 17.71
C GLY A 205 7.65 -18.33 16.74
N VAL A 206 6.77 -19.03 16.03
CA VAL A 206 5.86 -18.39 15.08
C VAL A 206 4.44 -18.85 15.41
N TRP A 207 3.48 -18.18 14.78
CA TRP A 207 2.07 -18.41 15.07
C TRP A 207 1.48 -19.46 14.15
N ARG A 208 0.63 -20.32 14.72
CA ARG A 208 -0.13 -21.30 13.94
C ARG A 208 -1.54 -20.76 13.76
N PRO A 209 -1.96 -20.42 12.55
CA PRO A 209 -3.30 -19.84 12.38
C PRO A 209 -4.40 -20.78 12.86
N LEU A 210 -5.42 -20.20 13.51
CA LEU A 210 -6.59 -20.93 13.99
C LEU A 210 -7.84 -20.18 13.49
N VAL A 211 -8.20 -20.44 12.24
CA VAL A 211 -9.35 -19.82 11.60
C VAL A 211 -10.43 -20.88 11.51
N PHE A 212 -11.45 -20.79 12.38
CA PHE A 212 -12.48 -21.80 12.48
C PHE A 212 -13.88 -21.26 12.23
N ASP A 213 -14.00 -20.07 11.64
CA ASP A 213 -15.32 -19.54 11.32
C ASP A 213 -15.31 -18.71 10.04
N ASP A 214 -14.45 -17.68 9.97
CA ASP A 214 -14.41 -16.80 8.81
C ASP A 214 -13.02 -16.20 8.70
N MET A 215 -12.44 -16.24 7.50
CA MET A 215 -11.10 -15.72 7.31
C MET A 215 -11.11 -14.20 7.14
N GLU A 216 -12.07 -13.66 6.39
CA GLU A 216 -12.13 -12.21 6.21
C GLU A 216 -12.21 -11.51 7.57
N ALA A 217 -13.08 -12.02 8.46
CA ALA A 217 -13.20 -11.40 9.78
C ALA A 217 -11.95 -11.61 10.61
N TYR A 218 -11.33 -12.80 10.53
CA TYR A 218 -10.10 -13.07 11.25
C TYR A 218 -9.01 -12.07 10.87
N LEU A 219 -8.82 -11.87 9.56
CA LEU A 219 -7.77 -10.97 9.09
C LEU A 219 -8.13 -9.52 9.40
N GLU A 220 -9.40 -9.14 9.30
CA GLU A 220 -9.80 -7.78 9.64
C GLU A 220 -9.58 -7.51 11.13
N SER A 221 -9.81 -8.53 11.98
CA SER A 221 -9.58 -8.38 13.41
C SER A 221 -8.09 -8.22 13.70
N LEU A 222 -7.25 -9.05 13.08
CA LEU A 222 -5.81 -8.88 13.25
C LEU A 222 -5.35 -7.51 12.75
N GLU A 223 -5.91 -7.07 11.62
CA GLU A 223 -5.65 -5.73 11.12
C GLU A 223 -5.93 -4.70 12.21
N ARG A 224 -7.11 -4.80 12.83
CA ARG A 224 -7.49 -3.81 13.83
C ARG A 224 -6.60 -3.89 15.07
N LEU A 225 -6.14 -5.10 15.42
CA LEU A 225 -5.27 -5.25 16.58
C LEU A 225 -3.85 -4.76 16.31
N GLN A 226 -3.42 -4.77 15.05
CA GLN A 226 -2.12 -4.18 14.72
C GLN A 226 -2.09 -2.71 15.09
N ARG A 227 -3.23 -2.04 15.00
CA ARG A 227 -3.30 -0.60 15.19
C ARG A 227 -3.13 -0.17 16.64
N LEU A 228 -3.15 -1.09 17.58
CA LEU A 228 -3.10 -0.72 18.99
C LEU A 228 -1.75 -0.14 19.36
N PRO A 229 -1.64 0.50 20.53
CA PRO A 229 -0.33 0.92 21.01
C PRO A 229 0.62 -0.26 21.11
N THR A 230 1.90 0.00 20.89
CA THR A 230 2.91 -1.05 20.98
C THR A 230 2.70 -1.87 22.25
N LEU A 231 2.60 -3.19 22.08
CA LEU A 231 2.31 -4.07 23.21
C LEU A 231 3.58 -4.38 23.98
N LEU A 232 3.44 -4.45 25.31
CA LEU A 232 4.49 -4.94 26.18
C LEU A 232 4.23 -6.36 26.67
N GLN A 233 2.95 -6.75 26.79
CA GLN A 233 2.58 -8.08 27.24
C GLN A 233 1.47 -8.62 26.35
N LEU A 234 1.68 -9.82 25.81
CA LEU A 234 0.73 -10.47 24.93
C LEU A 234 0.43 -11.86 25.48
N ILE A 235 -0.84 -12.09 25.82
CA ILE A 235 -1.24 -13.28 26.55
C ILE A 235 -2.32 -13.99 25.74
N PRO A 236 -1.96 -15.05 25.02
CA PRO A 236 -2.97 -15.86 24.33
C PRO A 236 -3.56 -16.88 25.29
N GLY A 237 -4.48 -17.68 24.76
CA GLY A 237 -5.14 -18.69 25.57
C GLY A 237 -4.30 -19.90 25.88
N HIS A 238 -3.18 -20.09 25.17
CA HIS A 238 -2.32 -21.23 25.37
C HIS A 238 -0.87 -20.79 25.30
N GLY A 239 -0.07 -21.19 26.29
CA GLY A 239 1.38 -21.02 26.23
C GLY A 239 1.96 -20.02 27.21
N GLY A 240 1.13 -19.22 27.87
CA GLY A 240 1.64 -18.31 28.87
C GLY A 240 1.61 -16.86 28.43
N LEU A 241 2.66 -16.11 28.75
CA LEU A 241 2.73 -14.68 28.47
C LEU A 241 3.97 -14.40 27.62
N LEU A 242 3.77 -13.58 26.58
CA LEU A 242 4.85 -13.13 25.73
C LEU A 242 5.15 -11.66 26.02
N ARG A 243 6.39 -11.25 25.80
CA ARG A 243 6.82 -9.91 26.16
C ARG A 243 7.82 -9.40 25.14
N GLY A 244 8.22 -8.15 25.32
CA GLY A 244 9.27 -7.58 24.49
C GLY A 244 8.81 -7.40 23.06
N ARG A 245 9.71 -7.75 22.13
CA ARG A 245 9.44 -7.59 20.71
C ARG A 245 8.61 -8.74 20.16
N LEU A 246 8.52 -9.86 20.88
CA LEU A 246 7.65 -10.95 20.46
C LEU A 246 6.18 -10.56 20.60
N ALA A 247 5.86 -9.81 21.65
CA ALA A 247 4.49 -9.38 21.88
C ALA A 247 4.14 -8.11 21.14
N ALA A 248 5.13 -7.32 20.72
CA ALA A 248 4.85 -6.06 20.05
C ALA A 248 4.29 -6.29 18.65
N ASP A 249 4.95 -7.14 17.85
CA ASP A 249 4.52 -7.42 16.50
C ASP A 249 3.75 -8.73 16.40
N GLY A 250 3.08 -9.13 17.48
CA GLY A 250 2.34 -10.38 17.46
C GLY A 250 1.24 -10.40 16.42
N ALA A 251 0.47 -9.32 16.34
CA ALA A 251 -0.67 -9.28 15.42
C ALA A 251 -0.20 -9.33 13.97
N GLU A 252 0.79 -8.51 13.62
CA GLU A 252 1.33 -8.54 12.26
C GLU A 252 1.88 -9.92 11.93
N SER A 253 2.53 -10.57 12.89
CA SER A 253 3.08 -11.90 12.64
C SER A 253 1.98 -12.92 12.39
N ALA A 254 0.88 -12.83 13.15
CA ALA A 254 -0.24 -13.74 12.92
C ALA A 254 -0.85 -13.52 11.54
N TYR A 255 -1.05 -12.26 11.17
CA TYR A 255 -1.51 -11.93 9.82
C TYR A 255 -0.61 -12.57 8.77
N THR A 256 0.70 -12.40 8.94
CA THR A 256 1.66 -12.92 7.98
C THR A 256 1.58 -14.43 7.87
N GLU A 257 1.53 -15.12 9.01
CA GLU A 257 1.51 -16.58 8.98
C GLU A 257 0.21 -17.09 8.37
N CYS A 258 -0.91 -16.41 8.63
CA CYS A 258 -2.16 -16.80 8.00
C CYS A 258 -2.07 -16.69 6.49
N LEU A 259 -1.51 -15.58 5.99
CA LEU A 259 -1.37 -15.44 4.54
C LEU A 259 -0.35 -16.45 3.99
N ARG A 260 0.65 -16.82 4.78
CA ARG A 260 1.60 -17.84 4.35
C ARG A 260 0.92 -19.19 4.18
N LEU A 261 0.07 -19.55 5.14
CA LEU A 261 -0.68 -20.80 5.01
C LEU A 261 -1.65 -20.73 3.83
N CYS A 262 -2.24 -19.57 3.58
CA CYS A 262 -3.08 -19.40 2.40
C CYS A 262 -2.28 -19.70 1.13
N ARG A 263 -1.07 -19.13 1.03
CA ARG A 263 -0.21 -19.39 -0.10
C ARG A 263 0.07 -20.88 -0.24
N ARG A 264 0.40 -21.53 0.87
CA ARG A 264 0.68 -22.97 0.84
C ARG A 264 -0.50 -23.75 0.30
N LEU A 265 -1.69 -23.51 0.85
CA LEU A 265 -2.88 -24.23 0.44
C LEU A 265 -3.17 -24.02 -1.04
N LEU A 266 -3.13 -22.75 -1.48
CA LEU A 266 -3.45 -22.45 -2.88
C LEU A 266 -2.46 -23.10 -3.82
N TRP A 267 -1.17 -23.11 -3.45
CA TRP A 267 -0.17 -23.77 -4.29
C TRP A 267 -0.44 -25.26 -4.36
N ARG A 268 -0.65 -25.91 -3.21
CA ARG A 268 -0.90 -27.35 -3.20
C ARG A 268 -2.12 -27.69 -4.03
N GLN A 269 -3.15 -26.84 -4.00
CA GLN A 269 -4.33 -27.10 -4.82
C GLN A 269 -4.08 -26.86 -6.29
N SER A 270 -3.18 -25.91 -6.63
CA SER A 270 -2.81 -25.73 -8.02
C SER A 270 -2.03 -26.92 -8.56
N MET A 271 -1.48 -27.76 -7.68
CA MET A 271 -0.87 -29.01 -8.08
C MET A 271 -1.85 -30.19 -8.02
N GLY A 272 -3.03 -29.98 -7.45
CA GLY A 272 -4.06 -31.00 -7.43
C GLY A 272 -4.24 -31.74 -6.13
N GLU A 273 -3.74 -31.20 -5.02
CA GLU A 273 -3.92 -31.85 -3.73
C GLU A 273 -5.31 -31.59 -3.17
N SER A 274 -5.75 -32.49 -2.29
CA SER A 274 -7.03 -32.36 -1.62
C SER A 274 -6.84 -31.73 -0.23
N LEU A 275 -7.95 -31.27 0.34
CA LEU A 275 -7.89 -30.69 1.67
C LEU A 275 -7.37 -31.68 2.70
N ASP A 276 -7.83 -32.94 2.61
CA ASP A 276 -7.44 -33.93 3.61
C ASP A 276 -5.93 -34.18 3.61
N GLU A 277 -5.29 -34.09 2.45
CA GLU A 277 -3.84 -34.32 2.39
C GLU A 277 -3.09 -33.29 3.21
N LEU A 278 -3.31 -32.01 2.93
CA LEU A 278 -2.65 -30.96 3.70
C LEU A 278 -3.10 -30.99 5.16
N SER A 279 -4.34 -31.41 5.42
CA SER A 279 -4.78 -31.56 6.81
C SER A 279 -3.93 -32.58 7.54
N GLU A 280 -3.68 -33.72 6.90
CA GLU A 280 -2.84 -34.76 7.51
C GLU A 280 -1.42 -34.24 7.72
N GLU A 281 -0.87 -33.52 6.74
CA GLU A 281 0.47 -32.96 6.90
C GLU A 281 0.54 -31.99 8.07
N LEU A 282 -0.37 -31.01 8.10
CA LEU A 282 -0.40 -30.04 9.18
C LEU A 282 -0.58 -30.73 10.53
N HIS A 283 -1.41 -31.77 10.58
CA HIS A 283 -1.58 -32.50 11.83
C HIS A 283 -0.26 -33.13 12.26
N ARG A 284 0.38 -33.89 11.35
CA ARG A 284 1.69 -34.46 11.62
C ARG A 284 2.60 -33.43 12.27
N ALA A 285 2.62 -32.22 11.72
CA ALA A 285 3.61 -31.24 12.16
C ALA A 285 3.18 -30.41 13.37
N TRP A 286 1.89 -30.39 13.72
CA TRP A 286 1.41 -29.50 14.78
C TRP A 286 0.74 -30.21 15.95
N GLY A 287 -0.06 -31.24 15.70
CA GLY A 287 -0.90 -31.82 16.72
C GLY A 287 -0.22 -32.19 18.03
N GLY A 288 1.09 -32.39 17.98
CA GLY A 288 1.81 -32.85 19.16
C GLY A 288 1.67 -31.94 20.35
N GLN A 289 1.43 -30.65 20.12
CA GLN A 289 1.39 -29.70 21.23
C GLN A 289 0.11 -29.85 22.06
N SER A 290 -1.02 -30.09 21.40
CA SER A 290 -2.32 -30.05 22.05
C SER A 290 -2.90 -31.43 22.32
N VAL A 291 -2.05 -32.43 22.56
CA VAL A 291 -2.57 -33.77 22.84
C VAL A 291 -3.19 -33.81 24.23
N ASP A 292 -2.70 -32.98 25.16
CA ASP A 292 -3.17 -33.06 26.54
C ASP A 292 -4.61 -32.56 26.68
N PHE A 293 -5.01 -31.58 25.87
CA PHE A 293 -6.34 -30.97 26.01
C PHE A 293 -7.11 -30.94 24.71
N LEU A 294 -6.76 -31.77 23.73
CA LEU A 294 -7.51 -31.83 22.49
C LEU A 294 -7.38 -33.21 21.85
N PRO A 295 -8.48 -33.97 21.76
CA PRO A 295 -8.40 -35.26 21.06
C PRO A 295 -7.88 -35.07 19.64
N GLY A 296 -6.93 -35.92 19.26
CA GLY A 296 -6.28 -35.77 17.96
C GLY A 296 -7.26 -35.67 16.81
N GLU A 297 -8.37 -36.41 16.89
CA GLU A 297 -9.33 -36.39 15.79
C GLU A 297 -9.98 -35.02 15.64
N LEU A 298 -10.28 -34.35 16.76
CA LEU A 298 -10.83 -33.00 16.66
C LEU A 298 -9.80 -32.01 16.12
N HIS A 299 -8.52 -32.22 16.44
CA HIS A 299 -7.47 -31.38 15.86
C HIS A 299 -7.39 -31.56 14.35
N LEU A 300 -7.44 -32.80 13.88
CA LEU A 300 -7.43 -33.05 12.44
C LEU A 300 -8.67 -32.45 11.79
N GLY A 301 -9.83 -32.60 12.43
CA GLY A 301 -11.05 -32.02 11.88
C GLY A 301 -11.00 -30.51 11.82
N SER A 302 -10.38 -29.88 12.82
CA SER A 302 -10.22 -28.43 12.80
C SER A 302 -9.26 -28.00 11.70
N MET A 303 -8.20 -28.78 11.47
CA MET A 303 -7.34 -28.51 10.33
C MET A 303 -8.14 -28.56 9.03
N ARG A 304 -8.94 -29.62 8.85
CA ARG A 304 -9.75 -29.73 7.64
C ARG A 304 -10.70 -28.55 7.50
N ARG A 305 -11.32 -28.14 8.61
CA ARG A 305 -12.26 -27.02 8.57
C ARG A 305 -11.56 -25.71 8.19
N MET A 306 -10.40 -25.46 8.79
CA MET A 306 -9.66 -24.23 8.47
C MET A 306 -9.23 -24.24 7.01
N LEU A 307 -8.77 -25.39 6.51
CA LEU A 307 -8.38 -25.46 5.11
C LEU A 307 -9.59 -25.25 4.19
N GLU A 308 -10.76 -25.75 4.58
CA GLU A 308 -11.98 -25.45 3.87
C GLU A 308 -12.21 -23.94 3.77
N ILE A 309 -12.22 -23.27 4.93
CA ILE A 309 -12.48 -21.83 4.94
C ILE A 309 -11.45 -21.09 4.10
N LEU A 310 -10.19 -21.48 4.21
CA LEU A 310 -9.14 -20.79 3.48
C LEU A 310 -9.31 -20.97 1.97
N SER A 311 -9.57 -22.21 1.54
CA SER A 311 -9.83 -22.43 0.12
C SER A 311 -11.03 -21.64 -0.36
N ARG A 312 -12.02 -21.42 0.51
CA ARG A 312 -13.21 -20.70 0.10
C ARG A 312 -12.92 -19.21 -0.06
N GLN A 313 -12.35 -18.58 0.96
CA GLN A 313 -12.24 -17.13 0.99
C GLN A 313 -10.88 -16.58 0.56
N ALA A 314 -9.88 -17.45 0.37
CA ALA A 314 -8.57 -16.97 -0.04
C ALA A 314 -8.62 -16.45 -1.47
N LEU A 315 -7.88 -15.39 -1.73
CA LEU A 315 -7.87 -14.76 -3.04
C LEU A 315 -7.14 -15.66 -4.03
N PRO A 316 -7.79 -16.09 -5.11
CA PRO A 316 -7.09 -16.94 -6.09
C PRO A 316 -5.92 -16.24 -6.75
N LEU A 317 -5.16 -17.01 -7.51
CA LEU A 317 -3.93 -16.55 -8.14
C LEU A 317 -4.10 -16.60 -9.67
N ASP A 318 -4.71 -15.57 -10.22
CA ASP A 318 -4.90 -15.48 -11.66
C ASP A 318 -4.95 -14.03 -12.14
N MET B 18 -1.90 -24.59 -15.70
CA MET B 18 -1.00 -24.59 -14.50
C MET B 18 -0.61 -23.15 -14.14
N LEU B 19 0.09 -23.01 -13.02
CA LEU B 19 0.60 -21.72 -12.56
C LEU B 19 2.11 -21.59 -12.66
N ARG B 20 2.82 -22.67 -12.98
CA ARG B 20 4.27 -22.65 -13.08
C ARG B 20 4.71 -23.30 -14.39
N LEU B 21 5.62 -22.66 -15.10
CA LEU B 21 6.21 -23.18 -16.32
C LEU B 21 7.58 -23.76 -15.99
N SER B 22 7.86 -24.96 -16.49
CA SER B 22 9.03 -25.71 -16.04
C SER B 22 9.48 -26.69 -17.13
N ALA B 23 10.02 -26.16 -18.22
CA ALA B 23 10.51 -27.06 -19.27
C ALA B 23 11.51 -26.36 -20.18
N PRO B 24 12.58 -27.03 -20.59
CA PRO B 24 13.41 -26.49 -21.69
C PRO B 24 12.55 -26.23 -22.92
N GLY B 25 12.98 -25.26 -23.71
CA GLY B 25 12.24 -24.83 -24.87
C GLY B 25 11.69 -23.42 -24.67
N GLN B 26 10.80 -23.03 -25.59
CA GLN B 26 10.26 -21.68 -25.54
C GLN B 26 9.43 -21.47 -24.29
N LEU B 27 9.63 -20.31 -23.66
CA LEU B 27 8.80 -19.87 -22.54
C LEU B 27 7.58 -19.10 -23.04
N ASP B 28 7.81 -18.05 -23.82
CA ASP B 28 6.76 -17.24 -24.41
C ASP B 28 7.23 -16.77 -25.78
N ASP B 29 6.52 -15.79 -26.36
CA ASP B 29 6.67 -15.43 -27.76
C ASP B 29 8.09 -15.07 -28.16
N ASP B 30 9.02 -14.92 -27.22
CA ASP B 30 10.36 -14.48 -27.55
C ASP B 30 11.49 -15.25 -26.88
N LEU B 31 11.26 -15.95 -25.78
CA LEU B 31 12.36 -16.43 -24.97
C LEU B 31 12.43 -17.95 -24.94
N CYS B 32 13.63 -18.46 -24.68
CA CYS B 32 13.84 -19.90 -24.60
C CYS B 32 14.71 -20.25 -23.40
N LEU B 33 14.38 -21.37 -22.75
CA LEU B 33 15.20 -21.94 -21.69
C LEU B 33 16.02 -23.07 -22.29
N LEU B 34 17.34 -22.97 -22.17
CA LEU B 34 18.28 -23.93 -22.73
C LEU B 34 19.00 -24.67 -21.62
N GLY B 35 19.17 -25.97 -21.81
CA GLY B 35 19.90 -26.80 -20.88
C GLY B 35 19.05 -27.32 -19.74
N ASP B 36 19.64 -27.38 -18.55
CA ASP B 36 18.99 -27.93 -17.38
C ASP B 36 18.18 -26.84 -16.67
N VAL B 37 16.93 -27.16 -16.34
CA VAL B 37 16.11 -26.22 -15.56
C VAL B 37 16.75 -25.92 -14.22
N GLN B 38 17.62 -26.80 -13.72
CA GLN B 38 18.31 -26.53 -12.47
C GLN B 38 19.32 -25.41 -12.63
N VAL B 39 20.13 -25.47 -13.69
CA VAL B 39 21.13 -24.44 -13.98
C VAL B 39 20.84 -23.92 -15.39
N PRO B 40 19.70 -23.27 -15.62
CA PRO B 40 19.29 -22.95 -16.99
C PRO B 40 20.07 -21.77 -17.56
N VAL B 41 20.05 -21.70 -18.90
CA VAL B 41 20.54 -20.52 -19.62
C VAL B 41 19.37 -19.99 -20.44
N PHE B 42 19.25 -18.66 -20.53
CA PHE B 42 18.09 -18.05 -21.16
C PHE B 42 18.50 -17.34 -22.45
N LEU B 43 17.64 -17.47 -23.46
CA LEU B 43 17.91 -17.00 -24.82
C LEU B 43 16.86 -15.99 -25.21
N LEU B 44 17.31 -14.77 -25.54
CA LEU B 44 16.47 -13.68 -26.01
C LEU B 44 16.63 -13.53 -27.52
N ARG B 45 15.51 -13.46 -28.23
CA ARG B 45 15.50 -13.15 -29.66
C ARG B 45 15.30 -11.65 -29.82
N LEU B 46 16.40 -10.92 -29.98
CA LEU B 46 16.28 -9.47 -30.12
C LEU B 46 15.67 -9.10 -31.47
N GLY B 47 15.93 -9.88 -32.50
CA GLY B 47 15.40 -9.54 -33.81
C GLY B 47 15.44 -10.72 -34.75
N GLU B 48 15.22 -10.42 -36.03
CA GLU B 48 15.30 -11.46 -37.05
C GLU B 48 16.65 -12.15 -37.02
N ALA B 49 17.72 -11.38 -36.80
CA ALA B 49 19.08 -11.92 -36.88
C ALA B 49 19.92 -11.37 -35.73
N SER B 50 19.40 -11.43 -34.51
CA SER B 50 20.15 -11.01 -33.33
C SER B 50 19.62 -11.73 -32.11
N TRP B 51 20.54 -12.30 -31.32
CA TRP B 51 20.18 -13.07 -30.14
C TRP B 51 21.08 -12.67 -28.98
N ALA B 52 20.64 -13.00 -27.77
CA ALA B 52 21.40 -12.71 -26.56
C ALA B 52 21.19 -13.83 -25.55
N LEU B 53 22.13 -13.95 -24.62
CA LEU B 53 22.11 -14.99 -23.60
C LEU B 53 22.10 -14.39 -22.20
N VAL B 54 21.64 -15.20 -21.25
CA VAL B 54 21.58 -14.81 -19.85
C VAL B 54 21.90 -16.04 -18.99
N GLU B 55 22.69 -15.82 -17.93
CA GLU B 55 23.18 -16.87 -17.05
C GLU B 55 24.29 -17.67 -17.72
N GLY B 56 25.37 -17.91 -16.98
CA GLY B 56 26.52 -18.63 -17.49
C GLY B 56 26.58 -20.10 -17.15
N GLY B 57 25.64 -20.58 -16.33
CA GLY B 57 25.50 -22.00 -16.10
C GLY B 57 26.75 -22.73 -15.65
N ILE B 58 26.78 -24.04 -15.88
CA ILE B 58 27.84 -24.92 -15.42
C ILE B 58 28.51 -25.58 -16.61
N SER B 59 29.61 -26.27 -16.33
CA SER B 59 30.26 -27.10 -17.36
C SER B 59 29.39 -28.30 -17.71
N ARG B 60 28.75 -28.91 -16.71
CA ARG B 60 28.14 -30.22 -16.87
C ARG B 60 26.96 -30.22 -17.84
N ASP B 61 26.35 -29.07 -18.11
CA ASP B 61 25.21 -28.99 -19.01
C ASP B 61 25.53 -28.41 -20.38
N ALA B 62 26.81 -28.10 -20.66
CA ALA B 62 27.20 -27.61 -21.98
C ALA B 62 26.74 -28.57 -23.08
N GLU B 63 26.97 -29.87 -22.84
CA GLU B 63 26.62 -30.91 -23.80
C GLU B 63 25.13 -30.99 -24.06
N LEU B 64 24.32 -30.43 -23.16
CA LEU B 64 22.88 -30.26 -23.37
C LEU B 64 22.58 -28.93 -24.04
N VAL B 65 23.36 -27.91 -23.67
CA VAL B 65 23.20 -26.57 -24.21
C VAL B 65 23.24 -26.65 -25.73
N TRP B 66 24.43 -26.80 -26.31
CA TRP B 66 24.55 -26.56 -27.75
C TRP B 66 23.46 -27.30 -28.55
N ALA B 67 23.18 -28.55 -28.17
CA ALA B 67 22.20 -29.33 -28.91
C ALA B 67 20.80 -28.73 -28.78
N ASP B 68 20.30 -28.59 -27.55
CA ASP B 68 18.95 -28.04 -27.39
C ASP B 68 18.86 -26.64 -28.00
N LEU B 69 19.96 -25.89 -27.97
CA LEU B 69 20.04 -24.62 -28.68
C LEU B 69 19.81 -24.82 -30.18
N CYS B 70 20.33 -25.91 -30.73
CA CYS B 70 20.20 -26.16 -32.16
C CYS B 70 18.75 -26.24 -32.61
N ARG B 71 17.82 -26.55 -31.71
CA ARG B 71 16.41 -26.66 -32.07
C ARG B 71 15.77 -25.29 -32.29
N TRP B 72 16.41 -24.20 -31.90
CA TRP B 72 15.81 -22.88 -31.96
C TRP B 72 16.60 -21.88 -32.79
N VAL B 73 17.93 -21.93 -32.73
CA VAL B 73 18.78 -20.99 -33.45
C VAL B 73 19.40 -21.70 -34.64
N ALA B 74 19.25 -21.11 -35.83
CA ALA B 74 19.84 -21.70 -37.02
C ALA B 74 21.34 -21.43 -37.12
N ASP B 75 21.80 -20.30 -36.59
CA ASP B 75 23.21 -19.90 -36.68
C ASP B 75 23.68 -19.43 -35.32
N PRO B 76 24.73 -20.03 -34.74
CA PRO B 76 25.20 -19.59 -33.43
C PRO B 76 25.88 -18.22 -33.43
N SER B 77 26.32 -17.73 -34.59
CA SER B 77 27.15 -16.54 -34.64
C SER B 77 26.39 -15.27 -34.28
N GLN B 78 25.06 -15.31 -34.19
CA GLN B 78 24.25 -14.12 -34.00
C GLN B 78 23.93 -13.84 -32.54
N VAL B 79 24.66 -14.46 -31.62
CA VAL B 79 24.57 -14.15 -30.19
C VAL B 79 25.52 -13.01 -29.90
N HIS B 80 24.98 -11.89 -29.43
CA HIS B 80 25.75 -10.66 -29.27
C HIS B 80 25.98 -10.25 -27.82
N TYR B 81 25.20 -10.76 -26.88
CA TYR B 81 25.35 -10.41 -25.47
C TYR B 81 25.22 -11.67 -24.62
N TRP B 82 25.93 -11.67 -23.49
CA TRP B 82 25.79 -12.73 -22.49
C TRP B 82 25.77 -12.07 -21.11
N LEU B 83 24.65 -12.22 -20.41
CA LEU B 83 24.43 -11.58 -19.12
C LEU B 83 24.70 -12.56 -17.99
N ILE B 84 25.39 -12.08 -16.95
CA ILE B 84 25.76 -12.90 -15.81
C ILE B 84 25.30 -12.21 -14.53
N THR B 85 24.53 -12.93 -13.71
CA THR B 85 24.03 -12.36 -12.46
C THR B 85 25.16 -12.18 -11.46
N HIS B 86 25.90 -13.25 -11.16
CA HIS B 86 26.98 -13.18 -10.19
C HIS B 86 27.96 -14.32 -10.46
N LYS B 87 28.89 -14.52 -9.52
CA LYS B 87 30.08 -15.32 -9.75
C LYS B 87 29.97 -16.74 -9.22
N HIS B 88 28.79 -17.19 -8.83
CA HIS B 88 28.64 -18.54 -8.31
C HIS B 88 28.83 -19.56 -9.43
N TYR B 89 29.22 -20.78 -9.03
CA TYR B 89 29.53 -21.82 -10.01
C TYR B 89 28.31 -22.18 -10.84
N ASP B 90 27.11 -22.08 -10.26
CA ASP B 90 25.89 -22.52 -10.93
C ASP B 90 25.26 -21.43 -11.79
N HIS B 91 25.98 -20.33 -12.04
CA HIS B 91 25.46 -19.28 -12.90
C HIS B 91 26.57 -18.60 -13.71
N CYS B 92 27.64 -19.32 -14.02
CA CYS B 92 28.79 -18.66 -14.66
C CYS B 92 29.76 -19.57 -15.39
N GLY B 93 29.70 -20.87 -15.13
CA GLY B 93 30.80 -21.75 -15.48
C GLY B 93 31.00 -22.13 -16.94
N LEU B 94 30.22 -21.58 -17.87
CA LEU B 94 30.31 -22.02 -19.27
C LEU B 94 31.32 -21.25 -20.11
N LEU B 95 31.94 -20.20 -19.56
CA LEU B 95 32.81 -19.35 -20.37
C LEU B 95 33.86 -20.13 -21.14
N PRO B 96 34.54 -21.13 -20.57
CA PRO B 96 35.47 -21.92 -21.39
C PRO B 96 34.75 -22.70 -22.48
N TYR B 97 33.50 -23.10 -22.25
CA TYR B 97 32.83 -24.04 -23.14
C TYR B 97 32.30 -23.35 -24.39
N LEU B 98 31.43 -22.36 -24.24
CA LEU B 98 30.66 -21.82 -25.36
C LEU B 98 31.13 -20.48 -25.87
N CYS B 99 31.76 -19.67 -25.02
CA CYS B 99 32.11 -18.31 -25.42
C CYS B 99 32.94 -18.24 -26.70
N PRO B 100 33.93 -19.11 -26.92
CA PRO B 100 34.80 -18.93 -28.09
C PRO B 100 34.10 -18.95 -29.44
N ARG B 101 32.91 -19.56 -29.56
CA ARG B 101 32.30 -19.81 -30.85
C ARG B 101 31.17 -18.83 -31.19
N LEU B 102 30.91 -17.85 -30.34
CA LEU B 102 29.99 -16.75 -30.62
C LEU B 102 30.86 -15.49 -30.62
N PRO B 103 31.61 -15.25 -31.69
CA PRO B 103 32.73 -14.28 -31.59
C PRO B 103 32.29 -12.84 -31.47
N ASN B 104 31.09 -12.47 -31.90
CA ASN B 104 30.64 -11.09 -31.84
C ASN B 104 29.94 -10.74 -30.53
N VAL B 105 30.16 -11.51 -29.48
CA VAL B 105 29.42 -11.36 -28.24
C VAL B 105 30.19 -10.47 -27.27
N GLN B 106 29.48 -9.56 -26.63
CA GLN B 106 29.99 -8.81 -25.48
C GLN B 106 29.36 -9.38 -24.21
N VAL B 107 30.17 -9.91 -23.32
CA VAL B 107 29.69 -10.19 -21.97
C VAL B 107 29.49 -8.86 -21.26
N LEU B 108 28.38 -8.72 -20.54
CA LEU B 108 28.08 -7.51 -19.79
C LEU B 108 27.91 -7.90 -18.32
N ALA B 109 28.74 -7.32 -17.45
CA ALA B 109 28.68 -7.71 -16.05
C ALA B 109 29.14 -6.58 -15.15
N SER B 110 28.75 -6.68 -13.88
CA SER B 110 29.15 -5.70 -12.89
C SER B 110 30.65 -5.75 -12.65
N GLU B 111 31.22 -4.63 -12.20
CA GLU B 111 32.63 -4.60 -11.86
C GLU B 111 33.00 -5.78 -10.97
N ARG B 112 32.20 -6.03 -9.93
CA ARG B 112 32.45 -7.14 -9.02
C ARG B 112 32.63 -8.46 -9.76
N THR B 113 31.68 -8.78 -10.64
CA THR B 113 31.68 -10.10 -11.28
C THR B 113 32.90 -10.28 -12.18
N CYS B 114 33.18 -9.29 -13.04
CA CYS B 114 34.34 -9.38 -13.91
C CYS B 114 35.62 -9.50 -13.08
N GLN B 115 35.75 -8.68 -12.04
CA GLN B 115 36.95 -8.75 -11.21
C GLN B 115 37.09 -10.12 -10.58
N ALA B 116 35.99 -10.72 -10.12
CA ALA B 116 36.04 -12.08 -9.63
C ALA B 116 36.55 -13.03 -10.70
N TRP B 117 36.09 -12.84 -11.94
CA TRP B 117 36.57 -13.66 -13.04
C TRP B 117 38.06 -13.45 -13.32
N LYS B 118 38.63 -12.31 -12.89
CA LYS B 118 40.05 -12.08 -13.09
C LYS B 118 40.92 -12.69 -11.99
N SER B 119 40.34 -13.06 -10.85
CA SER B 119 41.10 -13.65 -9.76
C SER B 119 41.19 -15.16 -9.92
N GLU B 120 42.39 -15.71 -9.73
CA GLU B 120 42.59 -17.14 -9.91
C GLU B 120 41.83 -17.95 -8.86
N SER B 121 41.74 -17.44 -7.64
CA SER B 121 41.14 -18.21 -6.55
C SER B 121 39.66 -18.47 -6.82
N ALA B 122 38.93 -17.44 -7.24
CA ALA B 122 37.50 -17.60 -7.50
C ALA B 122 37.25 -18.57 -8.63
N VAL B 123 38.03 -18.46 -9.72
CA VAL B 123 37.85 -19.38 -10.83
C VAL B 123 38.21 -20.79 -10.42
N ARG B 124 39.17 -20.96 -9.51
CA ARG B 124 39.50 -22.30 -9.03
C ARG B 124 38.34 -22.90 -8.23
N VAL B 125 37.76 -22.11 -7.33
CA VAL B 125 36.59 -22.59 -6.58
C VAL B 125 35.49 -23.00 -7.55
N VAL B 126 35.19 -22.12 -8.52
CA VAL B 126 34.13 -22.42 -9.49
C VAL B 126 34.44 -23.69 -10.26
N GLU B 127 35.70 -23.87 -10.68
CA GLU B 127 36.06 -25.02 -11.49
C GLU B 127 35.95 -26.31 -10.68
N ARG B 128 36.38 -26.30 -9.41
CA ARG B 128 36.26 -27.49 -8.59
C ARG B 128 34.78 -27.85 -8.39
N LEU B 129 33.97 -26.85 -8.03
CA LEU B 129 32.55 -27.12 -7.79
C LEU B 129 31.84 -27.58 -9.05
N ASN B 130 32.25 -27.09 -10.22
CA ASN B 130 31.65 -27.54 -11.47
C ASN B 130 32.11 -28.95 -11.82
N ARG B 131 33.39 -29.24 -11.58
CA ARG B 131 33.90 -30.58 -11.84
C ARG B 131 33.22 -31.62 -10.97
N GLN B 132 32.81 -31.23 -9.76
CA GLN B 132 32.12 -32.17 -8.89
C GLN B 132 30.81 -32.69 -9.46
N LEU B 133 30.31 -32.13 -10.56
CA LEU B 133 28.97 -32.44 -11.05
C LEU B 133 28.94 -33.22 -12.36
N LEU B 134 30.09 -33.53 -12.95
CA LEU B 134 30.09 -34.28 -14.19
C LEU B 134 29.77 -35.76 -13.93
N ARG B 135 29.34 -36.44 -14.98
CA ARG B 135 29.13 -37.89 -14.94
C ARG B 135 30.43 -38.61 -15.27
N ALA B 136 30.54 -39.84 -14.77
CA ALA B 136 31.76 -40.63 -14.98
C ALA B 136 31.98 -40.98 -16.45
N GLU B 137 31.07 -40.60 -17.32
CA GLU B 137 31.18 -40.85 -18.74
C GLU B 137 31.47 -39.59 -19.56
N GLN B 138 31.02 -38.42 -19.11
CA GLN B 138 31.14 -37.22 -19.93
C GLN B 138 32.58 -36.79 -20.08
N ARG B 139 32.93 -36.36 -21.29
CA ARG B 139 34.24 -35.76 -21.58
C ARG B 139 34.08 -34.25 -21.72
N LEU B 140 35.14 -33.53 -21.40
CA LEU B 140 35.08 -32.08 -21.36
C LEU B 140 35.27 -31.50 -22.75
N PRO B 141 34.39 -30.61 -23.20
CA PRO B 141 34.63 -29.90 -24.46
C PRO B 141 35.64 -28.76 -24.24
N GLU B 142 36.08 -28.19 -25.36
CA GLU B 142 37.21 -27.25 -25.39
C GLU B 142 36.99 -26.09 -24.42
N ALA B 143 38.08 -25.45 -23.98
CA ALA B 143 38.01 -24.45 -22.93
C ALA B 143 39.00 -23.32 -23.19
N CYS B 144 38.62 -22.11 -22.81
CA CYS B 144 39.44 -20.91 -22.97
C CYS B 144 39.63 -20.22 -21.63
N ALA B 145 40.44 -19.17 -21.63
CA ALA B 145 40.87 -18.51 -20.41
C ALA B 145 39.82 -17.51 -19.91
N TRP B 146 40.04 -17.03 -18.67
CA TRP B 146 39.10 -16.15 -18.02
C TRP B 146 39.37 -14.67 -18.28
N ASP B 147 40.62 -14.24 -18.29
CA ASP B 147 40.94 -12.84 -18.52
C ASP B 147 40.89 -12.46 -20.00
N ALA B 148 40.65 -13.42 -20.90
CA ALA B 148 40.50 -13.15 -22.32
C ALA B 148 39.05 -12.97 -22.73
N LEU B 149 38.11 -13.03 -21.79
CA LEU B 149 36.70 -13.01 -22.11
C LEU B 149 36.29 -11.66 -22.69
N PRO B 150 35.27 -11.64 -23.56
CA PRO B 150 34.80 -10.37 -24.17
C PRO B 150 33.88 -9.61 -23.21
N VAL B 151 34.50 -8.90 -22.27
CA VAL B 151 33.78 -8.35 -21.13
C VAL B 151 33.64 -6.84 -21.26
N ARG B 152 32.54 -6.33 -20.73
CA ARG B 152 32.24 -4.91 -20.63
C ARG B 152 31.50 -4.69 -19.31
N ALA B 153 31.90 -3.64 -18.60
CA ALA B 153 31.35 -3.37 -17.28
C ALA B 153 30.03 -2.61 -17.41
N VAL B 154 29.06 -2.98 -16.57
CA VAL B 154 27.76 -2.33 -16.51
C VAL B 154 27.56 -1.77 -15.11
N ALA B 155 26.57 -0.88 -14.99
CA ALA B 155 26.31 -0.17 -13.75
C ALA B 155 24.85 -0.35 -13.34
N ASP B 156 24.58 0.02 -12.08
CA ASP B 156 23.22 -0.05 -11.58
C ASP B 156 22.30 0.87 -12.35
N GLY B 157 21.18 0.33 -12.83
CA GLY B 157 20.22 1.11 -13.57
C GLY B 157 20.52 1.28 -15.04
N GLU B 158 21.60 0.69 -15.54
CA GLU B 158 21.96 0.86 -16.94
C GLU B 158 20.87 0.31 -17.84
N TRP B 159 20.64 1.00 -18.96
CA TRP B 159 19.62 0.63 -19.93
C TRP B 159 20.28 -0.15 -21.06
N LEU B 160 19.85 -1.39 -21.25
CA LEU B 160 20.39 -2.28 -22.28
C LEU B 160 19.41 -2.32 -23.44
N GLU B 161 19.70 -1.56 -24.49
CA GLU B 161 18.88 -1.58 -25.71
C GLU B 161 19.24 -2.83 -26.52
N LEU B 162 18.85 -3.98 -25.96
CA LEU B 162 19.16 -5.26 -26.59
C LEU B 162 18.46 -5.39 -27.93
N GLY B 163 17.15 -5.10 -27.97
CA GLY B 163 16.39 -5.26 -29.18
C GLY B 163 15.24 -4.27 -29.30
N PRO B 164 14.63 -4.24 -30.49
CA PRO B 164 13.53 -3.28 -30.72
C PRO B 164 12.41 -3.43 -29.72
N ARG B 165 12.13 -4.65 -29.26
CA ARG B 165 11.15 -4.89 -28.22
C ARG B 165 11.79 -5.44 -26.94
N HIS B 166 13.10 -5.26 -26.78
CA HIS B 166 13.81 -5.73 -25.59
C HIS B 166 14.67 -4.58 -25.06
N ARG B 167 14.08 -3.76 -24.20
CA ARG B 167 14.80 -2.76 -23.42
C ARG B 167 14.74 -3.20 -21.97
N LEU B 168 15.87 -3.67 -21.45
CA LEU B 168 15.97 -4.18 -20.09
C LEU B 168 16.86 -3.29 -19.25
N GLN B 169 16.48 -3.12 -17.98
CA GLN B 169 17.28 -2.35 -17.04
C GLN B 169 17.98 -3.28 -16.07
N VAL B 170 19.21 -2.92 -15.71
CA VAL B 170 20.01 -3.62 -14.71
C VAL B 170 19.71 -3.02 -13.34
N ILE B 171 19.60 -3.87 -12.33
CA ILE B 171 19.33 -3.41 -10.97
C ILE B 171 20.27 -4.15 -10.03
N GLU B 172 21.00 -3.39 -9.22
CA GLU B 172 21.92 -4.00 -8.25
C GLU B 172 21.14 -4.61 -7.11
N ALA B 173 21.38 -5.89 -6.85
CA ALA B 173 20.65 -6.66 -5.84
C ALA B 173 21.63 -7.40 -4.93
N HIS B 174 22.60 -6.66 -4.38
CA HIS B 174 23.52 -7.26 -3.44
C HIS B 174 22.77 -7.88 -2.27
N GLY B 175 23.45 -8.77 -1.55
CA GLY B 175 22.83 -9.49 -0.46
C GLY B 175 23.06 -10.98 -0.57
N HIS B 176 22.46 -11.61 -1.59
CA HIS B 176 22.78 -13.02 -1.84
C HIS B 176 24.27 -13.19 -2.09
N SER B 177 24.87 -12.27 -2.84
CA SER B 177 26.31 -12.16 -2.97
C SER B 177 26.65 -10.68 -3.06
N ASP B 178 27.92 -10.35 -2.86
CA ASP B 178 28.36 -8.96 -2.91
C ASP B 178 28.36 -8.39 -4.33
N ASP B 179 27.71 -9.06 -5.29
CA ASP B 179 27.77 -8.64 -6.69
C ASP B 179 26.48 -8.90 -7.44
N HIS B 180 25.47 -9.51 -6.82
CA HIS B 180 24.30 -9.98 -7.56
C HIS B 180 23.58 -8.80 -8.20
N VAL B 181 23.08 -9.03 -9.42
CA VAL B 181 22.29 -8.06 -10.15
C VAL B 181 21.15 -8.79 -10.85
N VAL B 182 20.09 -8.05 -11.15
CA VAL B 182 18.90 -8.61 -11.76
C VAL B 182 18.51 -7.73 -12.96
N PHE B 183 17.65 -8.29 -13.81
CA PHE B 183 17.31 -7.65 -15.08
C PHE B 183 15.81 -7.56 -15.26
N TYR B 184 15.32 -6.35 -15.54
CA TYR B 184 13.89 -6.11 -15.67
C TYR B 184 13.56 -5.68 -17.10
N ASP B 185 12.75 -6.50 -17.78
CA ASP B 185 12.16 -6.16 -19.08
C ASP B 185 10.91 -5.35 -18.81
N VAL B 186 10.97 -4.05 -19.14
CA VAL B 186 9.88 -3.14 -18.80
C VAL B 186 8.69 -3.36 -19.72
N ARG B 187 8.93 -3.78 -20.96
CA ARG B 187 7.83 -3.93 -21.90
C ARG B 187 6.92 -5.10 -21.51
N ARG B 188 7.51 -6.21 -21.10
CA ARG B 188 6.75 -7.39 -20.68
C ARG B 188 6.66 -7.49 -19.15
N ARG B 189 7.21 -6.53 -18.42
CA ARG B 189 7.19 -6.53 -16.96
C ARG B 189 7.69 -7.88 -16.43
N ARG B 190 8.84 -8.30 -16.96
CA ARG B 190 9.40 -9.62 -16.70
C ARG B 190 10.73 -9.44 -15.97
N LEU B 191 10.88 -10.13 -14.85
CA LEU B 191 12.05 -9.93 -13.99
C LEU B 191 12.86 -11.21 -13.87
N PHE B 192 14.11 -11.15 -14.35
CA PHE B 192 15.10 -12.19 -14.07
C PHE B 192 15.80 -11.82 -12.77
N CYS B 193 15.60 -12.64 -11.73
CA CYS B 193 16.04 -12.32 -10.39
C CYS B 193 17.11 -13.24 -9.85
N GLY B 194 17.47 -14.30 -10.57
CA GLY B 194 18.44 -15.25 -10.06
C GLY B 194 18.08 -15.81 -8.70
N ASP B 195 18.96 -15.61 -7.72
CA ASP B 195 18.75 -16.12 -6.37
C ASP B 195 18.42 -15.02 -5.37
N ALA B 196 18.32 -13.77 -5.80
CA ALA B 196 18.14 -12.67 -4.86
C ALA B 196 16.86 -12.81 -4.03
N LEU B 197 15.87 -13.56 -4.52
CA LEU B 197 14.69 -13.88 -3.73
C LEU B 197 14.80 -15.21 -3.02
N GLY B 198 15.63 -16.13 -3.53
CA GLY B 198 15.85 -17.40 -2.87
C GLY B 198 15.55 -18.60 -3.75
N GLU B 199 15.36 -19.75 -3.13
CA GLU B 199 15.07 -20.99 -3.82
C GLU B 199 13.59 -21.31 -3.65
N PHE B 200 12.85 -21.30 -4.76
CA PHE B 200 11.40 -21.48 -4.71
C PHE B 200 11.06 -22.90 -4.29
N ASP B 201 10.27 -23.02 -3.22
CA ASP B 201 9.86 -24.33 -2.70
C ASP B 201 8.79 -24.91 -3.62
N GLU B 202 9.16 -25.94 -4.39
CA GLU B 202 8.24 -26.53 -5.35
C GLU B 202 7.10 -27.29 -4.70
N ALA B 203 7.26 -27.71 -3.45
CA ALA B 203 6.23 -28.48 -2.76
C ALA B 203 5.28 -27.64 -1.94
N GLU B 204 5.69 -26.43 -1.54
CA GLU B 204 4.87 -25.58 -0.68
C GLU B 204 4.48 -24.27 -1.34
N GLY B 205 5.29 -23.74 -2.24
CA GLY B 205 4.96 -22.49 -2.92
C GLY B 205 5.42 -21.24 -2.21
N VAL B 206 6.44 -21.33 -1.35
CA VAL B 206 6.98 -20.19 -0.62
C VAL B 206 8.48 -20.12 -0.89
N TRP B 207 9.09 -19.03 -0.43
CA TRP B 207 10.48 -18.73 -0.73
C TRP B 207 11.39 -19.20 0.38
N ARG B 208 12.52 -19.80 -0.02
CA ARG B 208 13.57 -20.20 0.92
C ARG B 208 14.68 -19.18 0.85
N PRO B 209 14.94 -18.42 1.92
CA PRO B 209 15.98 -17.39 1.83
C PRO B 209 17.36 -17.98 1.51
N LEU B 210 18.13 -17.23 0.72
CA LEU B 210 19.50 -17.61 0.36
C LEU B 210 20.40 -16.39 0.61
N VAL B 211 20.76 -16.18 1.87
CA VAL B 211 21.58 -15.04 2.29
C VAL B 211 22.99 -15.59 2.53
N PHE B 212 23.90 -15.32 1.59
CA PHE B 212 25.25 -15.87 1.66
C PHE B 212 26.32 -14.78 1.68
N ASP B 213 25.95 -13.53 1.89
CA ASP B 213 26.93 -12.46 1.98
C ASP B 213 26.52 -11.41 3.00
N ASP B 214 25.33 -10.83 2.83
CA ASP B 214 24.88 -9.75 3.69
C ASP B 214 23.35 -9.78 3.74
N MET B 215 22.81 -9.68 4.96
CA MET B 215 21.36 -9.70 5.13
C MET B 215 20.74 -8.33 4.86
N GLU B 216 21.37 -7.26 5.37
CA GLU B 216 20.82 -5.93 5.13
C GLU B 216 20.74 -5.64 3.64
N ALA B 217 21.79 -5.99 2.88
CA ALA B 217 21.78 -5.77 1.44
C ALA B 217 20.73 -6.64 0.77
N TYR B 218 20.59 -7.89 1.22
CA TYR B 218 19.55 -8.78 0.69
C TYR B 218 18.17 -8.15 0.84
N LEU B 219 17.86 -7.67 2.05
CA LEU B 219 16.53 -7.13 2.32
C LEU B 219 16.31 -5.80 1.63
N GLU B 220 17.35 -4.94 1.55
CA GLU B 220 17.21 -3.70 0.80
C GLU B 220 17.04 -3.96 -0.68
N SER B 221 17.67 -5.02 -1.20
CA SER B 221 17.48 -5.39 -2.59
C SER B 221 16.04 -5.82 -2.83
N LEU B 222 15.51 -6.67 -1.96
CA LEU B 222 14.11 -7.06 -2.08
C LEU B 222 13.20 -5.85 -2.00
N GLU B 223 13.55 -4.87 -1.15
CA GLU B 223 12.79 -3.63 -1.08
C GLU B 223 12.81 -2.89 -2.42
N ARG B 224 14.01 -2.61 -2.94
CA ARG B 224 14.12 -1.91 -4.21
C ARG B 224 13.40 -2.65 -5.33
N LEU B 225 13.30 -3.98 -5.23
CA LEU B 225 12.60 -4.74 -6.26
C LEU B 225 11.08 -4.66 -6.09
N GLN B 226 10.58 -4.60 -4.85
CA GLN B 226 9.16 -4.36 -4.66
C GLN B 226 8.69 -3.07 -5.33
N ARG B 227 9.60 -2.14 -5.59
CA ARG B 227 9.24 -0.87 -6.19
C ARG B 227 8.98 -0.94 -7.68
N LEU B 228 9.30 -2.06 -8.32
CA LEU B 228 9.01 -2.22 -9.74
C LEU B 228 7.50 -2.26 -9.96
N PRO B 229 7.04 -1.98 -11.18
CA PRO B 229 5.64 -2.23 -11.50
C PRO B 229 5.27 -3.68 -11.25
N THR B 230 3.98 -3.91 -11.02
CA THR B 230 3.48 -5.26 -10.78
C THR B 230 4.02 -6.22 -11.83
N LEU B 231 4.57 -7.34 -11.37
CA LEU B 231 5.22 -8.29 -12.25
C LEU B 231 4.21 -9.26 -12.84
N LEU B 232 4.41 -9.59 -14.11
CA LEU B 232 3.68 -10.67 -14.77
C LEU B 232 4.46 -11.96 -14.82
N GLN B 233 5.78 -11.88 -15.01
CA GLN B 233 6.64 -13.05 -15.15
C GLN B 233 7.87 -12.88 -14.26
N LEU B 234 8.12 -13.89 -13.44
CA LEU B 234 9.20 -13.88 -12.45
C LEU B 234 10.06 -15.10 -12.69
N ILE B 235 11.34 -14.89 -12.96
CA ILE B 235 12.25 -15.93 -13.42
C ILE B 235 13.43 -15.99 -12.46
N PRO B 236 13.43 -16.95 -11.51
CA PRO B 236 14.61 -17.14 -10.66
C PRO B 236 15.64 -18.07 -11.29
N GLY B 237 16.75 -18.30 -10.59
CA GLY B 237 17.79 -19.16 -11.12
C GLY B 237 17.46 -20.63 -11.07
N HIS B 238 16.48 -21.03 -10.27
CA HIS B 238 16.09 -22.43 -10.14
C HIS B 238 14.57 -22.53 -10.18
N GLY B 239 14.07 -23.44 -11.01
CA GLY B 239 12.67 -23.85 -10.96
C GLY B 239 11.81 -23.40 -12.12
N GLY B 240 12.29 -22.47 -12.96
CA GLY B 240 11.53 -22.06 -14.13
C GLY B 240 10.94 -20.67 -14.01
N LEU B 241 9.70 -20.51 -14.46
CA LEU B 241 9.03 -19.22 -14.52
C LEU B 241 7.74 -19.25 -13.71
N LEU B 242 7.49 -18.17 -12.97
CA LEU B 242 6.29 -18.00 -12.16
C LEU B 242 5.44 -16.89 -12.76
N ARG B 243 4.12 -17.07 -12.71
CA ARG B 243 3.18 -16.10 -13.25
C ARG B 243 2.06 -15.91 -12.26
N GLY B 244 1.23 -14.89 -12.51
CA GLY B 244 0.11 -14.63 -11.64
C GLY B 244 0.54 -14.06 -10.30
N ARG B 245 -0.27 -14.32 -9.28
CA ARG B 245 0.02 -13.80 -7.94
C ARG B 245 1.44 -14.11 -7.52
N LEU B 246 1.92 -15.32 -7.79
CA LEU B 246 3.26 -15.72 -7.36
C LEU B 246 4.30 -14.71 -7.82
N ALA B 247 4.13 -14.15 -9.02
CA ALA B 247 5.11 -13.20 -9.53
C ALA B 247 4.87 -11.80 -8.98
N ALA B 248 3.63 -11.45 -8.65
CA ALA B 248 3.33 -10.09 -8.20
C ALA B 248 3.96 -9.81 -6.85
N ASP B 249 3.68 -10.65 -5.85
CA ASP B 249 4.20 -10.47 -4.50
C ASP B 249 5.47 -11.28 -4.26
N GLY B 250 6.24 -11.56 -5.30
CA GLY B 250 7.45 -12.35 -5.12
C GLY B 250 8.42 -11.72 -4.15
N ALA B 251 8.74 -10.44 -4.36
CA ALA B 251 9.68 -9.76 -3.48
C ALA B 251 9.13 -9.62 -2.06
N GLU B 252 7.86 -9.22 -1.95
CA GLU B 252 7.21 -9.11 -0.65
C GLU B 252 7.26 -10.43 0.11
N SER B 253 6.94 -11.53 -0.58
CA SER B 253 6.93 -12.83 0.08
C SER B 253 8.33 -13.27 0.46
N ALA B 254 9.32 -13.00 -0.38
CA ALA B 254 10.69 -13.35 -0.04
C ALA B 254 11.16 -12.59 1.20
N TYR B 255 10.89 -11.28 1.22
CA TYR B 255 11.18 -10.47 2.40
C TYR B 255 10.53 -11.08 3.65
N THR B 256 9.25 -11.42 3.55
CA THR B 256 8.53 -11.96 4.69
C THR B 256 9.16 -13.26 5.18
N GLU B 257 9.49 -14.16 4.25
CA GLU B 257 10.06 -15.45 4.65
C GLU B 257 11.46 -15.29 5.24
N CYS B 258 12.23 -14.32 4.73
CA CYS B 258 13.53 -14.03 5.35
C CYS B 258 13.36 -13.59 6.80
N LEU B 259 12.41 -12.68 7.05
CA LEU B 259 12.19 -12.26 8.43
C LEU B 259 11.64 -13.40 9.29
N ARG B 260 10.85 -14.29 8.69
CA ARG B 260 10.35 -15.45 9.41
C ARG B 260 11.49 -16.34 9.88
N LEU B 261 12.44 -16.63 8.97
CA LEU B 261 13.61 -17.40 9.36
C LEU B 261 14.42 -16.68 10.44
N CYS B 262 14.55 -15.36 10.32
CA CYS B 262 15.24 -14.58 11.34
C CYS B 262 14.61 -14.83 12.71
N ARG B 263 13.27 -14.72 12.79
CA ARG B 263 12.60 -14.91 14.06
C ARG B 263 12.76 -16.34 14.57
N ARG B 264 12.64 -17.32 13.68
CA ARG B 264 12.86 -18.70 14.10
C ARG B 264 14.22 -18.87 14.74
N LEU B 265 15.26 -18.37 14.08
CA LEU B 265 16.62 -18.50 14.60
C LEU B 265 16.76 -17.81 15.95
N LEU B 266 16.27 -16.57 16.05
CA LEU B 266 16.41 -15.84 17.31
C LEU B 266 15.68 -16.55 18.44
N TRP B 267 14.47 -17.04 18.18
CA TRP B 267 13.74 -17.79 19.20
C TRP B 267 14.53 -19.01 19.65
N ARG B 268 15.00 -19.81 18.68
CA ARG B 268 15.74 -21.01 19.00
C ARG B 268 17.00 -20.69 19.82
N GLN B 269 17.64 -19.55 19.54
CA GLN B 269 18.81 -19.17 20.30
C GLN B 269 18.44 -18.70 21.71
N SER B 270 17.27 -18.08 21.87
CA SER B 270 16.85 -17.67 23.20
C SER B 270 16.48 -18.85 24.08
N MET B 271 16.29 -20.04 23.49
CA MET B 271 16.11 -21.26 24.25
C MET B 271 17.41 -21.98 24.54
N GLY B 272 18.53 -21.50 23.97
CA GLY B 272 19.83 -22.11 24.21
C GLY B 272 20.32 -23.00 23.10
N GLU B 273 19.72 -22.95 21.92
CA GLU B 273 20.07 -23.85 20.83
C GLU B 273 21.19 -23.25 19.99
N SER B 274 22.01 -24.13 19.43
CA SER B 274 23.12 -23.71 18.60
C SER B 274 22.71 -23.65 17.13
N LEU B 275 23.49 -22.90 16.35
CA LEU B 275 23.21 -22.78 14.93
C LEU B 275 23.24 -24.14 14.25
N ASP B 276 24.05 -25.07 14.76
CA ASP B 276 24.04 -26.42 14.24
C ASP B 276 22.63 -27.02 14.33
N GLU B 277 21.95 -26.78 15.46
CA GLU B 277 20.61 -27.34 15.66
C GLU B 277 19.72 -27.04 14.45
N LEU B 278 19.67 -25.78 14.03
CA LEU B 278 18.77 -25.41 12.95
C LEU B 278 19.36 -25.67 11.58
N SER B 279 20.68 -25.58 11.45
CA SER B 279 21.34 -25.86 10.18
C SER B 279 21.07 -27.29 9.73
N GLU B 280 21.32 -28.25 10.63
CA GLU B 280 21.07 -29.65 10.31
C GLU B 280 19.60 -29.87 9.95
N GLU B 281 18.70 -29.28 10.73
CA GLU B 281 17.27 -29.43 10.47
C GLU B 281 16.88 -28.85 9.12
N LEU B 282 17.41 -27.66 8.79
CA LEU B 282 17.13 -27.05 7.50
C LEU B 282 17.65 -27.92 6.37
N HIS B 283 18.87 -28.44 6.51
CA HIS B 283 19.39 -29.36 5.50
C HIS B 283 18.41 -30.50 5.30
N ARG B 284 18.04 -31.17 6.39
CA ARG B 284 17.10 -32.28 6.32
C ARG B 284 15.86 -31.92 5.51
N ALA B 285 15.29 -30.73 5.78
CA ALA B 285 13.99 -30.39 5.19
C ALA B 285 14.08 -29.74 3.80
N TRP B 286 15.25 -29.26 3.39
CA TRP B 286 15.37 -28.50 2.15
C TRP B 286 16.34 -29.09 1.14
N GLY B 287 17.51 -29.57 1.58
CA GLY B 287 18.56 -29.93 0.64
C GLY B 287 18.12 -30.86 -0.46
N GLY B 288 17.07 -31.64 -0.21
CA GLY B 288 16.61 -32.60 -1.22
C GLY B 288 16.33 -31.95 -2.56
N GLN B 289 16.00 -30.67 -2.57
CA GLN B 289 15.65 -30.01 -3.82
C GLN B 289 16.87 -29.78 -4.69
N SER B 290 17.99 -29.39 -4.09
CA SER B 290 19.21 -29.04 -4.83
C SER B 290 20.25 -30.14 -4.78
N VAL B 291 19.83 -31.40 -4.68
CA VAL B 291 20.80 -32.50 -4.63
C VAL B 291 21.44 -32.71 -6.00
N ASP B 292 20.74 -32.34 -7.07
CA ASP B 292 21.26 -32.61 -8.41
C ASP B 292 22.41 -31.69 -8.77
N PHE B 293 22.43 -30.46 -8.23
CA PHE B 293 23.44 -29.47 -8.61
C PHE B 293 24.16 -28.88 -7.41
N LEU B 294 24.09 -29.51 -6.24
CA LEU B 294 24.73 -28.98 -5.05
C LEU B 294 25.10 -30.11 -4.09
N PRO B 295 26.39 -30.37 -3.86
CA PRO B 295 26.75 -31.41 -2.89
C PRO B 295 26.15 -31.11 -1.51
N GLY B 296 25.56 -32.14 -0.91
CA GLY B 296 24.83 -31.94 0.33
C GLY B 296 25.62 -31.23 1.41
N GLU B 297 26.92 -31.50 1.48
CA GLU B 297 27.74 -30.86 2.50
C GLU B 297 27.83 -29.35 2.27
N LEU B 298 27.91 -28.93 1.00
CA LEU B 298 27.88 -27.50 0.73
C LEU B 298 26.51 -26.90 1.04
N HIS B 299 25.43 -27.67 0.90
CA HIS B 299 24.13 -27.17 1.29
C HIS B 299 24.08 -26.94 2.81
N LEU B 300 24.57 -27.91 3.59
CA LEU B 300 24.62 -27.72 5.03
C LEU B 300 25.50 -26.53 5.40
N GLY B 301 26.66 -26.40 4.75
CA GLY B 301 27.54 -25.29 5.03
C GLY B 301 26.93 -23.95 4.68
N SER B 302 26.16 -23.90 3.58
CA SER B 302 25.51 -22.66 3.20
C SER B 302 24.37 -22.32 4.16
N MET B 303 23.63 -23.33 4.61
CA MET B 303 22.64 -23.10 5.65
C MET B 303 23.30 -22.49 6.89
N ARG B 304 24.45 -23.05 7.29
CA ARG B 304 25.15 -22.53 8.46
C ARG B 304 25.65 -21.10 8.23
N ARG B 305 26.18 -20.83 7.03
CA ARG B 305 26.64 -19.48 6.72
C ARG B 305 25.48 -18.48 6.79
N MET B 306 24.35 -18.82 6.19
CA MET B 306 23.20 -17.93 6.22
C MET B 306 22.71 -17.72 7.65
N LEU B 307 22.65 -18.78 8.44
CA LEU B 307 22.20 -18.64 9.82
C LEU B 307 23.17 -17.79 10.62
N GLU B 308 24.47 -17.91 10.35
CA GLU B 308 25.45 -17.06 11.01
C GLU B 308 25.22 -15.59 10.67
N ILE B 309 25.07 -15.29 9.39
CA ILE B 309 24.83 -13.91 8.98
C ILE B 309 23.58 -13.37 9.65
N LEU B 310 22.50 -14.16 9.66
CA LEU B 310 21.26 -13.73 10.28
C LEU B 310 21.44 -13.47 11.76
N SER B 311 22.04 -14.42 12.47
CA SER B 311 22.29 -14.22 13.90
C SER B 311 23.16 -13.00 14.15
N ARG B 312 24.01 -12.64 13.19
CA ARG B 312 24.85 -11.46 13.34
C ARG B 312 24.03 -10.18 13.20
N GLN B 313 23.21 -10.10 12.15
CA GLN B 313 22.58 -8.84 11.78
C GLN B 313 21.12 -8.72 12.19
N ALA B 314 20.52 -9.77 12.75
CA ALA B 314 19.11 -9.71 13.09
C ALA B 314 18.86 -8.77 14.27
N LEU B 315 17.69 -8.14 14.26
CA LEU B 315 17.33 -7.23 15.35
C LEU B 315 17.00 -8.02 16.60
N PRO B 316 17.64 -7.74 17.74
CA PRO B 316 17.33 -8.50 18.96
C PRO B 316 15.97 -8.15 19.55
N LEU B 317 15.65 -8.73 20.70
CA LEU B 317 14.38 -8.53 21.36
C LEU B 317 14.62 -8.07 22.80
N ASP B 318 13.54 -7.81 23.52
CA ASP B 318 13.64 -7.26 24.87
C ASP B 318 12.85 -8.09 25.87
CA MET C 1 -14.09 -6.21 -2.17
C MET C 1 -12.79 -5.78 -1.50
N ARG C 2 -12.79 -4.58 -0.91
CA ARG C 2 -11.62 -4.05 -0.23
C ARG C 2 -11.09 -5.06 0.78
N ASN C 3 -9.83 -5.47 0.61
CA ASN C 3 -9.30 -6.57 1.41
C ASN C 3 -7.82 -6.46 1.73
N ASP C 4 -7.04 -7.48 1.36
CA ASP C 4 -5.69 -7.65 1.87
C ASP C 4 -4.61 -7.75 0.79
N GLY C 5 -4.83 -8.63 -0.18
CA GLY C 5 -3.82 -8.94 -1.18
C GLY C 5 -3.32 -7.78 -2.02
N GLY C 6 -2.64 -6.83 -1.41
CA GLY C 6 -2.02 -5.74 -2.14
C GLY C 6 -2.87 -4.49 -2.16
N PHE C 7 -2.20 -3.36 -2.47
CA PHE C 7 -2.89 -2.08 -2.55
C PHE C 7 -3.79 -2.00 -3.78
N LEU C 8 -3.28 -2.42 -4.95
CA LEU C 8 -4.10 -2.39 -6.16
C LEU C 8 -5.40 -3.15 -5.99
N LEU C 9 -5.36 -4.26 -5.25
CA LEU C 9 -6.57 -5.02 -4.99
C LEU C 9 -7.59 -4.18 -4.22
N TRP C 10 -7.14 -3.53 -3.14
CA TRP C 10 -8.04 -2.67 -2.39
C TRP C 10 -8.59 -1.55 -3.26
N TRP C 11 -7.75 -0.99 -4.13
CA TRP C 11 -8.21 0.07 -5.02
C TRP C 11 -9.36 -0.41 -5.92
N ASP C 12 -9.12 -1.50 -6.66
CA ASP C 12 -10.15 -2.01 -7.56
C ASP C 12 -11.40 -2.44 -6.79
N GLY C 13 -11.22 -3.03 -5.61
CA GLY C 13 -12.38 -3.42 -4.82
C GLY C 13 -13.20 -2.24 -4.37
N LEU C 14 -12.53 -1.17 -3.96
CA LEU C 14 -13.24 0.05 -3.58
C LEU C 14 -14.01 0.62 -4.76
N ARG C 15 -13.37 0.67 -5.92
CA ARG C 15 -14.05 1.16 -7.12
C ARG C 15 -15.30 0.33 -7.40
N SER C 16 -15.16 -0.99 -7.44
CA SER C 16 -16.30 -1.86 -7.71
C SER C 16 -17.39 -1.73 -6.65
N GLU C 17 -16.99 -1.49 -5.39
CA GLU C 17 -18.00 -1.31 -4.34
C GLU C 17 -18.75 0.00 -4.52
N MET C 18 -18.11 0.99 -5.13
CA MET C 18 -18.73 2.30 -5.29
C MET C 18 -19.42 2.50 -6.62
N GLN C 19 -19.25 1.58 -7.58
CA GLN C 19 -19.87 1.76 -8.88
C GLN C 19 -21.40 1.72 -8.81
N PRO C 20 -22.02 0.71 -8.19
CA PRO C 20 -23.50 0.62 -8.25
C PRO C 20 -24.24 1.68 -7.46
N ILE C 21 -23.55 2.51 -6.69
CA ILE C 21 -24.23 3.38 -5.74
C ILE C 21 -24.94 4.52 -6.48
N HIS C 22 -26.24 4.66 -6.23
CA HIS C 22 -27.08 5.70 -6.79
C HIS C 22 -27.69 6.58 -5.70
N ASP C 23 -27.12 6.53 -4.49
CA ASP C 23 -27.58 7.31 -3.36
C ASP C 23 -26.38 7.83 -2.58
N SER C 24 -26.35 9.14 -2.34
CA SER C 24 -25.15 9.75 -1.76
C SER C 24 -24.87 9.21 -0.37
N GLN C 25 -25.92 8.95 0.41
CA GLN C 25 -25.74 8.44 1.76
C GLN C 25 -24.90 7.18 1.77
N GLY C 26 -25.15 6.28 0.82
CA GLY C 26 -24.36 5.07 0.72
C GLY C 26 -22.90 5.34 0.36
N VAL C 27 -22.66 6.35 -0.48
CA VAL C 27 -21.29 6.75 -0.77
C VAL C 27 -20.58 7.15 0.51
N PHE C 28 -21.19 8.06 1.28
CA PHE C 28 -20.59 8.47 2.54
C PHE C 28 -20.42 7.29 3.49
N ALA C 29 -21.35 6.33 3.46
CA ALA C 29 -21.24 5.17 4.33
C ALA C 29 -20.02 4.33 3.97
N VAL C 30 -19.82 4.08 2.68
CA VAL C 30 -18.63 3.33 2.26
C VAL C 30 -17.36 4.07 2.67
N LEU C 31 -17.36 5.40 2.51
CA LEU C 31 -16.20 6.18 2.91
C LEU C 31 -15.93 6.03 4.40
N GLU C 32 -16.96 6.14 5.23
CA GLU C 32 -16.78 5.96 6.67
C GLU C 32 -16.25 4.57 6.99
N LYS C 33 -16.79 3.55 6.34
CA LYS C 33 -16.32 2.18 6.54
C LYS C 33 -14.81 2.12 6.33
N GLU C 34 -14.35 2.63 5.17
CA GLU C 34 -12.92 2.54 4.89
C GLU C 34 -12.10 3.40 5.85
N VAL C 35 -12.64 4.55 6.28
CA VAL C 35 -11.90 5.39 7.23
C VAL C 35 -11.67 4.64 8.53
N ARG C 36 -12.73 4.02 9.08
CA ARG C 36 -12.55 3.23 10.29
C ARG C 36 -11.63 2.04 10.04
N ARG C 37 -11.72 1.42 8.87
CA ARG C 37 -10.79 0.36 8.53
C ARG C 37 -9.35 0.87 8.57
N LEU C 38 -9.16 2.18 8.32
CA LEU C 38 -7.83 2.75 8.39
C LEU C 38 -7.36 2.89 9.84
N GLY C 39 -8.28 3.19 10.77
CA GLY C 39 -7.93 3.23 12.17
C GLY C 39 -8.42 4.44 12.94
N PHE C 40 -9.13 5.34 12.27
CA PHE C 40 -9.62 6.56 12.89
C PHE C 40 -11.09 6.44 13.29
N ASP C 41 -11.53 7.39 14.12
CA ASP C 41 -12.86 7.37 14.70
C ASP C 41 -13.86 8.21 13.90
N TYR C 42 -13.48 9.43 13.52
CA TYR C 42 -14.37 10.32 12.78
C TYR C 42 -13.69 10.78 11.50
N TYR C 43 -14.49 11.35 10.60
CA TYR C 43 -13.97 11.92 9.37
C TYR C 43 -14.84 13.14 9.03
N ALA C 44 -14.42 13.86 7.99
CA ALA C 44 -15.14 15.04 7.54
C ALA C 44 -14.77 15.31 6.09
N TYR C 45 -15.68 15.96 5.37
CA TYR C 45 -15.48 16.35 3.99
C TYR C 45 -15.99 17.76 3.82
N GLY C 46 -15.11 18.65 3.36
CA GLY C 46 -15.44 20.06 3.23
C GLY C 46 -15.23 20.53 1.80
N VAL C 47 -16.07 21.48 1.39
CA VAL C 47 -15.97 22.10 0.07
C VAL C 47 -15.91 23.61 0.28
N ARG C 48 -14.80 24.22 -0.13
CA ARG C 48 -14.64 25.66 -0.12
C ARG C 48 -14.82 26.18 -1.54
N HIS C 49 -15.87 26.97 -1.73
CA HIS C 49 -16.08 27.74 -2.94
C HIS C 49 -15.21 28.99 -2.93
N THR C 50 -15.02 29.57 -4.10
CA THR C 50 -14.20 30.76 -4.24
C THR C 50 -14.95 32.04 -3.97
N ILE C 51 -16.29 32.02 -4.00
CA ILE C 51 -17.09 33.22 -3.87
C ILE C 51 -18.18 33.00 -2.82
N PRO C 52 -18.68 34.05 -2.15
CA PRO C 52 -18.23 35.45 -2.24
C PRO C 52 -16.79 35.65 -1.78
N PHE C 53 -16.03 36.49 -2.49
CA PHE C 53 -14.63 36.65 -2.17
C PHE C 53 -14.42 37.14 -0.74
N THR C 54 -15.34 37.96 -0.22
CA THR C 54 -15.21 38.43 1.15
C THR C 54 -15.51 37.32 2.14
N ARG C 55 -16.62 36.60 1.93
CA ARG C 55 -17.02 35.47 2.76
C ARG C 55 -17.29 34.28 1.85
N PRO C 56 -16.25 33.55 1.46
CA PRO C 56 -16.47 32.41 0.54
C PRO C 56 -17.17 31.28 1.28
N LYS C 57 -18.27 30.79 0.69
CA LYS C 57 -18.98 29.68 1.31
C LYS C 57 -18.09 28.46 1.45
N THR C 58 -18.09 27.90 2.65
CA THR C 58 -17.37 26.67 2.97
C THR C 58 -18.39 25.73 3.60
N GLU C 59 -18.88 24.79 2.80
CA GLU C 59 -19.88 23.82 3.24
C GLU C 59 -19.17 22.57 3.74
N VAL C 60 -19.80 21.86 4.66
CA VAL C 60 -19.15 20.74 5.33
C VAL C 60 -20.14 19.62 5.61
N HIS C 61 -19.64 18.40 5.66
CA HIS C 61 -20.44 17.24 6.01
C HIS C 61 -19.51 16.14 6.51
N GLY C 62 -19.89 15.51 7.61
CA GLY C 62 -19.00 14.53 8.20
C GLY C 62 -19.62 13.86 9.40
N THR C 63 -18.75 13.32 10.26
CA THR C 63 -19.18 12.54 11.42
C THR C 63 -18.47 13.00 12.68
N TYR C 64 -18.19 14.29 12.78
CA TYR C 64 -17.73 14.84 14.04
C TYR C 64 -18.94 14.97 14.97
N PRO C 65 -18.71 15.12 16.27
CA PRO C 65 -19.84 15.28 17.19
C PRO C 65 -20.74 16.44 16.76
N LYS C 66 -22.05 16.18 16.74
CA LYS C 66 -22.99 17.17 16.22
C LYS C 66 -22.86 18.51 16.97
N ALA C 67 -22.58 18.45 18.27
CA ALA C 67 -22.37 19.68 19.02
C ALA C 67 -21.20 20.47 18.45
N TRP C 68 -20.16 19.76 17.99
CA TRP C 68 -19.04 20.43 17.35
C TRP C 68 -19.44 21.06 16.02
N LEU C 69 -20.40 20.48 15.31
CA LEU C 69 -20.91 21.13 14.11
C LEU C 69 -21.66 22.41 14.48
N GLU C 70 -22.54 22.32 15.48
CA GLU C 70 -23.24 23.50 15.97
C GLU C 70 -22.25 24.63 16.27
N ARG C 71 -21.23 24.34 17.08
CA ARG C 71 -20.26 25.37 17.43
C ARG C 71 -19.48 25.85 16.20
N TYR C 72 -19.05 24.93 15.35
CA TYR C 72 -18.21 25.26 14.21
C TYR C 72 -18.92 26.26 13.30
N GLN C 73 -20.16 25.95 12.93
CA GLN C 73 -20.89 26.86 12.05
C GLN C 73 -21.40 28.10 12.77
N MET C 74 -21.78 27.98 14.05
CA MET C 74 -22.29 29.14 14.78
C MET C 74 -21.29 30.29 14.75
N GLN C 75 -20.03 30.00 15.05
CA GLN C 75 -18.97 31.00 15.06
C GLN C 75 -18.16 31.00 13.76
N ASN C 76 -18.71 30.42 12.70
CA ASN C 76 -18.07 30.32 11.39
C ASN C 76 -16.56 30.07 11.51
N TYR C 77 -16.21 29.05 12.27
CA TYR C 77 -14.81 28.65 12.36
C TYR C 77 -14.28 28.19 11.00
N GLY C 78 -15.18 27.86 10.06
CA GLY C 78 -14.77 27.32 8.77
C GLY C 78 -14.05 28.31 7.86
N ALA C 79 -14.17 29.60 8.12
CA ALA C 79 -13.52 30.59 7.26
C ALA C 79 -12.00 30.45 7.30
N VAL C 80 -11.42 30.60 8.49
CA VAL C 80 -9.97 30.55 8.64
C VAL C 80 -9.60 29.30 9.43
N ASP C 81 -9.95 28.14 8.88
CA ASP C 81 -9.51 26.86 9.42
C ASP C 81 -8.22 26.45 8.73
N PRO C 82 -7.10 26.30 9.44
CA PRO C 82 -5.84 26.01 8.75
C PRO C 82 -5.86 24.74 7.91
N ALA C 83 -6.57 23.70 8.37
CA ALA C 83 -6.60 22.45 7.62
C ALA C 83 -7.16 22.64 6.23
N ILE C 84 -8.18 23.49 6.09
CA ILE C 84 -8.76 23.76 4.77
C ILE C 84 -7.89 24.73 3.99
N LEU C 85 -7.40 25.78 4.65
CA LEU C 85 -6.66 26.82 3.94
C LEU C 85 -5.31 26.34 3.42
N ASN C 86 -4.74 25.29 4.02
CA ASN C 86 -3.49 24.77 3.49
C ASN C 86 -3.64 24.34 2.04
N GLY C 87 -4.83 23.85 1.66
CA GLY C 87 -5.04 23.35 0.31
C GLY C 87 -4.97 24.43 -0.75
N LEU C 88 -5.21 25.69 -0.38
CA LEU C 88 -5.06 26.79 -1.32
C LEU C 88 -3.61 26.98 -1.73
N ARG C 89 -2.66 26.48 -0.93
CA ARG C 89 -1.25 26.75 -1.10
C ARG C 89 -0.43 25.51 -1.41
N SER C 90 -0.97 24.31 -1.14
CA SER C 90 -0.21 23.08 -1.25
C SER C 90 -1.12 21.95 -1.70
N SER C 91 -0.52 20.95 -2.35
CA SER C 91 -1.21 19.72 -2.69
C SER C 91 -0.88 18.59 -1.72
N GLU C 92 -0.14 18.88 -0.67
CA GLU C 92 0.27 17.88 0.30
C GLU C 92 -0.72 17.79 1.45
N MET C 93 -0.78 16.61 2.05
CA MET C 93 -1.61 16.41 3.24
C MET C 93 -1.00 17.15 4.43
N VAL C 94 -1.85 17.51 5.38
CA VAL C 94 -1.43 18.25 6.57
C VAL C 94 -1.81 17.42 7.78
N VAL C 95 -0.83 17.00 8.55
CA VAL C 95 -1.07 16.30 9.80
C VAL C 95 -1.30 17.33 10.90
N TRP C 96 -2.39 17.16 11.64
CA TRP C 96 -2.74 18.11 12.67
C TRP C 96 -1.63 18.21 13.71
N SER C 97 -1.27 19.44 14.06
CA SER C 97 -0.16 19.69 14.97
C SER C 97 -0.34 21.06 15.60
N ASP C 98 0.15 21.19 16.84
CA ASP C 98 0.03 22.46 17.53
C ASP C 98 0.62 23.61 16.71
N SER C 99 1.79 23.38 16.11
CA SER C 99 2.44 24.43 15.33
C SER C 99 1.53 24.92 14.20
N LEU C 100 0.83 24.00 13.55
CA LEU C 100 -0.06 24.37 12.45
C LEU C 100 -1.16 25.31 12.92
N PHE C 101 -1.65 25.15 14.15
CA PHE C 101 -2.78 25.90 14.66
C PHE C 101 -2.37 27.12 15.48
N ASP C 102 -1.10 27.52 15.41
CA ASP C 102 -0.64 28.67 16.19
C ASP C 102 -1.48 29.90 15.91
N GLN C 103 -2.05 30.00 14.71
CA GLN C 103 -2.83 31.15 14.31
C GLN C 103 -4.29 31.09 14.78
N SER C 104 -4.82 29.88 15.03
CA SER C 104 -6.23 29.70 15.40
C SER C 104 -6.32 28.86 16.67
N ARG C 105 -5.99 29.49 17.81
CA ARG C 105 -5.88 28.74 19.06
C ARG C 105 -7.23 28.30 19.60
N MET C 106 -8.26 29.14 19.46
CA MET C 106 -9.56 28.81 20.01
C MET C 106 -10.14 27.57 19.34
N LEU C 107 -10.07 27.53 18.01
CA LEU C 107 -10.60 26.39 17.27
C LEU C 107 -9.89 25.10 17.70
N TRP C 108 -8.55 25.14 17.80
CA TRP C 108 -7.81 23.94 18.15
C TRP C 108 -8.15 23.48 19.56
N ASN C 109 -8.26 24.41 20.51
CA ASN C 109 -8.62 24.03 21.88
C ASN C 109 -10.00 23.38 21.91
N GLU C 110 -10.97 23.97 21.21
CA GLU C 110 -12.33 23.40 21.25
C GLU C 110 -12.37 22.03 20.58
N ALA C 111 -11.67 21.88 19.45
CA ALA C 111 -11.61 20.58 18.79
C ALA C 111 -10.97 19.53 19.68
N ARG C 112 -9.87 19.87 20.35
CA ARG C 112 -9.28 18.96 21.32
C ARG C 112 -10.29 18.60 22.41
N ASP C 113 -11.08 19.59 22.84
CA ASP C 113 -12.08 19.31 23.87
C ASP C 113 -13.11 18.29 23.40
N TRP C 114 -13.42 18.29 22.10
CA TRP C 114 -14.41 17.35 21.57
C TRP C 114 -13.81 16.00 21.19
N GLY C 115 -12.58 15.71 21.60
CA GLY C 115 -11.95 14.45 21.32
C GLY C 115 -11.15 14.40 20.03
N LEU C 116 -11.35 15.36 19.14
CA LEU C 116 -10.59 15.43 17.90
C LEU C 116 -9.15 15.81 18.19
N CYS C 117 -8.43 14.94 18.91
CA CYS C 117 -7.09 15.27 19.39
C CYS C 117 -6.01 14.97 18.36
N VAL C 118 -6.19 13.93 17.55
CA VAL C 118 -5.24 13.59 16.50
C VAL C 118 -6.02 13.54 15.18
N GLY C 119 -5.36 13.92 14.10
CA GLY C 119 -6.02 13.87 12.82
C GLY C 119 -5.13 14.36 11.71
N ALA C 120 -5.69 14.31 10.50
CA ALA C 120 -4.98 14.76 9.30
C ALA C 120 -5.99 15.25 8.29
N THR C 121 -5.51 16.01 7.32
CA THR C 121 -6.37 16.66 6.33
C THR C 121 -5.66 16.69 4.99
N LEU C 122 -6.35 16.24 3.94
CA LEU C 122 -5.82 16.20 2.60
C LEU C 122 -6.64 17.14 1.71
N PRO C 123 -6.00 18.06 0.97
CA PRO C 123 -6.76 18.90 0.04
C PRO C 123 -6.59 18.44 -1.39
N ILE C 124 -7.57 18.72 -2.24
CA ILE C 124 -7.42 18.52 -3.69
C ILE C 124 -8.40 19.48 -4.35
N ARG C 125 -8.02 20.00 -5.50
CA ARG C 125 -8.83 20.98 -6.21
C ARG C 125 -9.55 20.30 -7.37
N ALA C 126 -10.88 20.41 -7.38
CA ALA C 126 -11.68 19.89 -8.46
C ALA C 126 -11.41 20.66 -9.75
N PRO C 127 -11.73 20.07 -10.90
CA PRO C 127 -11.44 20.76 -12.17
C PRO C 127 -12.29 22.00 -12.41
N ASN C 128 -13.06 22.42 -11.41
CA ASN C 128 -13.93 23.59 -11.51
C ASN C 128 -13.61 24.60 -10.41
N ASN C 129 -12.33 24.72 -10.06
CA ASN C 129 -11.84 25.74 -9.14
C ASN C 129 -12.43 25.63 -7.74
N LEU C 130 -12.89 24.44 -7.35
CA LEU C 130 -13.33 24.20 -5.99
C LEU C 130 -12.24 23.54 -5.16
N LEU C 131 -12.23 23.86 -3.87
CA LEU C 131 -11.25 23.30 -2.94
C LEU C 131 -11.95 22.24 -2.09
N SER C 132 -11.74 20.97 -2.41
CA SER C 132 -12.32 19.90 -1.61
C SER C 132 -11.26 19.40 -0.62
N VAL C 133 -11.73 18.98 0.54
CA VAL C 133 -10.86 18.62 1.65
C VAL C 133 -11.44 17.40 2.35
N LEU C 134 -10.56 16.48 2.74
CA LEU C 134 -10.95 15.27 3.45
C LEU C 134 -10.13 15.18 4.72
N SER C 135 -10.80 15.16 5.86
CA SER C 135 -10.14 15.09 7.16
C SER C 135 -10.51 13.80 7.86
N VAL C 136 -9.57 13.28 8.64
CA VAL C 136 -9.81 12.13 9.50
C VAL C 136 -9.29 12.48 10.89
N ALA C 137 -9.91 11.88 11.91
CA ALA C 137 -9.62 12.24 13.28
C ALA C 137 -9.85 11.06 14.20
N ARG C 138 -9.03 11.00 15.25
CA ARG C 138 -9.17 10.07 16.35
C ARG C 138 -8.76 10.78 17.64
N ASP C 139 -8.72 10.03 18.73
CA ASP C 139 -8.71 10.58 20.08
C ASP C 139 -7.37 10.47 20.79
N GLN C 140 -6.68 9.33 20.71
CA GLN C 140 -5.57 9.07 21.61
C GLN C 140 -4.25 8.66 20.95
N GLN C 141 -4.23 8.26 19.69
CA GLN C 141 -3.02 7.73 19.07
C GLN C 141 -2.46 8.75 18.08
N ASN C 142 -1.20 9.14 18.29
CA ASN C 142 -0.52 10.06 17.40
C ASN C 142 -0.11 9.37 16.11
N ILE C 143 -0.10 10.14 15.02
CA ILE C 143 0.21 9.60 13.70
C ILE C 143 1.71 9.37 13.60
N SER C 144 2.12 8.11 13.50
CA SER C 144 3.50 7.79 13.21
C SER C 144 3.80 8.06 11.73
N SER C 145 5.09 8.19 11.42
CA SER C 145 5.49 8.59 10.08
C SER C 145 5.02 7.58 9.03
N PHE C 146 5.33 6.31 9.26
CA PHE C 146 4.96 5.28 8.29
C PHE C 146 3.46 5.30 8.04
N GLU C 147 2.68 5.40 9.12
CA GLU C 147 1.23 5.50 8.97
C GLU C 147 0.82 6.79 8.29
N ARG C 148 1.60 7.87 8.48
CA ARG C 148 1.35 9.10 7.75
C ARG C 148 1.36 8.85 6.25
N GLU C 149 2.40 8.18 5.76
CA GLU C 149 2.49 7.91 4.33
C GLU C 149 1.33 7.02 3.86
N GLU C 150 1.08 5.95 4.62
CA GLU C 150 -0.02 5.05 4.29
C GLU C 150 -1.32 5.82 4.11
N ILE C 151 -1.67 6.62 5.12
CA ILE C 151 -2.84 7.47 5.07
C ILE C 151 -2.82 8.32 3.81
N ARG C 152 -1.79 9.17 3.66
CA ARG C 152 -1.73 10.05 2.51
C ARG C 152 -2.23 9.35 1.25
N LEU C 153 -1.66 8.17 0.96
CA LEU C 153 -2.06 7.48 -0.27
C LEU C 153 -3.54 7.10 -0.25
N ARG C 154 -3.96 6.41 0.81
CA ARG C 154 -5.33 5.87 0.83
C ARG C 154 -6.37 7.01 0.79
N LEU C 155 -6.13 8.07 1.56
CA LEU C 155 -7.04 9.21 1.56
C LEU C 155 -7.08 9.89 0.20
N ARG C 156 -5.92 10.04 -0.46
CA ARG C 156 -5.94 10.63 -1.80
C ARG C 156 -6.87 9.85 -2.72
N CYS C 157 -6.69 8.53 -2.77
CA CYS C 157 -7.54 7.71 -3.64
C CYS C 157 -9.01 7.90 -3.26
N MET C 158 -9.30 7.86 -1.96
CA MET C 158 -10.68 7.92 -1.49
C MET C 158 -11.35 9.24 -1.85
N ILE C 159 -10.65 10.36 -1.63
CA ILE C 159 -11.26 11.66 -1.90
C ILE C 159 -11.43 11.89 -3.39
N GLU C 160 -10.44 11.46 -4.18
CA GLU C 160 -10.58 11.58 -5.64
C GLU C 160 -11.83 10.85 -6.11
N LEU C 161 -11.98 9.58 -5.72
CA LEU C 161 -13.16 8.83 -6.15
C LEU C 161 -14.45 9.41 -5.58
N LEU C 162 -14.39 9.95 -4.36
CA LEU C 162 -15.60 10.52 -3.75
C LEU C 162 -16.08 11.73 -4.53
N THR C 163 -15.17 12.68 -4.80
CA THR C 163 -15.57 13.85 -5.57
C THR C 163 -16.09 13.43 -6.95
N GLN C 164 -15.46 12.43 -7.56
CA GLN C 164 -15.97 11.95 -8.86
C GLN C 164 -17.43 11.51 -8.74
N LYS C 165 -17.72 10.66 -7.75
CA LYS C 165 -19.07 10.12 -7.60
C LYS C 165 -20.08 11.20 -7.20
N LEU C 166 -19.67 12.17 -6.39
CA LEU C 166 -20.59 13.22 -5.98
C LEU C 166 -20.88 14.17 -7.13
N THR C 167 -19.91 14.39 -8.03
CA THR C 167 -20.21 15.11 -9.25
C THR C 167 -21.18 14.33 -10.12
N ASP C 168 -20.98 13.02 -10.22
CA ASP C 168 -21.92 12.20 -11.00
C ASP C 168 -23.31 12.16 -10.39
N LEU C 169 -23.46 12.39 -9.09
CA LEU C 169 -24.77 12.41 -8.45
C LEU C 169 -25.32 13.82 -8.23
N GLU C 170 -24.57 14.86 -8.56
CA GLU C 170 -25.05 16.24 -8.45
C GLU C 170 -25.54 16.52 -7.02
N HIS C 171 -24.61 16.42 -6.08
CA HIS C 171 -24.92 16.72 -4.70
C HIS C 171 -25.15 18.23 -4.53
N PRO C 172 -26.02 18.63 -3.60
CA PRO C 172 -26.24 20.08 -3.42
C PRO C 172 -25.03 20.80 -2.85
N MET C 173 -24.24 20.12 -2.01
CA MET C 173 -23.07 20.76 -1.42
C MET C 173 -22.06 21.17 -2.47
N LEU C 174 -21.89 20.36 -3.51
CA LEU C 174 -20.99 20.69 -4.61
C LEU C 174 -21.64 21.47 -5.73
N MET C 175 -22.96 21.37 -5.90
CA MET C 175 -23.61 22.04 -7.02
C MET C 175 -23.32 23.54 -7.05
N SER C 176 -22.84 24.10 -5.93
CA SER C 176 -22.44 25.51 -5.87
C SER C 176 -23.56 26.41 -6.40
N ASN C 177 -23.55 26.67 -7.69
CA ASN C 177 -24.58 27.50 -8.32
C ASN C 177 -24.82 26.95 -9.73
N PRO C 178 -25.98 26.33 -9.99
CA PRO C 178 -26.20 25.76 -11.32
C PRO C 178 -26.45 26.84 -12.35
N VAL C 179 -25.42 27.18 -13.13
CA VAL C 179 -25.53 28.23 -14.14
C VAL C 179 -25.00 27.68 -15.44
N CYS C 180 -25.80 27.76 -16.49
CA CYS C 180 -25.41 27.33 -17.84
C CYS C 180 -25.50 28.54 -18.76
N LEU C 181 -24.45 28.73 -19.56
CA LEU C 181 -24.36 29.82 -20.51
C LEU C 181 -24.47 29.23 -21.91
N SER C 182 -25.10 29.96 -22.81
CA SER C 182 -25.15 29.48 -24.17
C SER C 182 -23.80 29.73 -24.84
N HIS C 183 -23.58 29.05 -25.96
CA HIS C 183 -22.31 29.20 -26.68
C HIS C 183 -22.05 30.67 -26.98
N ARG C 184 -23.07 31.37 -27.48
CA ARG C 184 -22.90 32.78 -27.83
C ARG C 184 -22.60 33.61 -26.58
N GLU C 185 -23.40 33.43 -25.52
CA GLU C 185 -23.17 34.21 -24.31
C GLU C 185 -21.82 33.87 -23.69
N ARG C 186 -21.41 32.60 -23.74
CA ARG C 186 -20.13 32.23 -23.17
C ARG C 186 -18.98 32.88 -23.92
N GLU C 187 -19.03 32.91 -25.26
CA GLU C 187 -17.95 33.55 -25.99
C GLU C 187 -17.98 35.07 -25.83
N ILE C 188 -19.19 35.66 -25.75
CA ILE C 188 -19.28 37.08 -25.43
C ILE C 188 -18.62 37.37 -24.09
N LEU C 189 -18.86 36.51 -23.10
CA LEU C 189 -18.26 36.73 -21.79
C LEU C 189 -16.75 36.52 -21.85
N GLN C 190 -16.29 35.55 -22.66
CA GLN C 190 -14.86 35.38 -22.86
C GLN C 190 -14.23 36.66 -23.39
N TRP C 191 -14.87 37.29 -24.37
CA TRP C 191 -14.34 38.54 -24.91
C TRP C 191 -14.39 39.65 -23.87
N THR C 192 -15.49 39.76 -23.13
CA THR C 192 -15.63 40.81 -22.13
C THR C 192 -14.59 40.67 -21.02
N ALA C 193 -14.39 39.44 -20.53
CA ALA C 193 -13.39 39.18 -19.51
C ALA C 193 -11.98 39.40 -20.03
N ASP C 194 -11.80 39.52 -21.34
CA ASP C 194 -10.53 39.94 -21.92
C ASP C 194 -10.45 41.45 -22.10
N GLY C 195 -11.49 42.18 -21.73
CA GLY C 195 -11.46 43.63 -21.70
C GLY C 195 -12.17 44.34 -22.84
N LYS C 196 -12.85 43.61 -23.73
CA LYS C 196 -13.49 44.25 -24.87
C LYS C 196 -14.79 44.93 -24.46
N SER C 197 -15.09 46.04 -25.15
CA SER C 197 -16.33 46.77 -24.95
C SER C 197 -17.43 46.22 -25.84
N SER C 198 -18.65 46.74 -25.63
CA SER C 198 -19.79 46.28 -26.42
C SER C 198 -19.53 46.43 -27.91
N GLY C 199 -18.98 47.57 -28.32
CA GLY C 199 -18.77 47.82 -29.74
C GLY C 199 -17.74 46.87 -30.35
N GLU C 200 -16.64 46.62 -29.64
CA GLU C 200 -15.62 45.73 -30.19
C GLU C 200 -16.15 44.31 -30.32
N ILE C 201 -16.95 43.86 -29.36
CA ILE C 201 -17.58 42.54 -29.49
C ILE C 201 -18.53 42.52 -30.67
N ALA C 202 -19.36 43.56 -30.79
CA ALA C 202 -20.28 43.62 -31.93
C ALA C 202 -19.51 43.51 -33.25
N ILE C 203 -18.39 44.21 -33.36
CA ILE C 203 -17.57 44.11 -34.57
C ILE C 203 -17.06 42.69 -34.77
N ILE C 204 -16.46 42.12 -33.73
CA ILE C 204 -15.73 40.85 -33.88
C ILE C 204 -16.71 39.72 -34.20
N LEU C 205 -17.82 39.65 -33.48
CA LEU C 205 -18.79 38.58 -33.70
C LEU C 205 -19.71 38.86 -34.88
N SER C 206 -19.57 40.03 -35.52
CA SER C 206 -20.39 40.38 -36.68
C SER C 206 -21.87 40.42 -36.30
N ILE C 207 -22.17 41.02 -35.15
CA ILE C 207 -23.53 41.26 -34.71
C ILE C 207 -23.64 42.71 -34.26
N SER C 208 -24.86 43.11 -33.92
CA SER C 208 -25.12 44.48 -33.53
C SER C 208 -24.79 44.70 -32.06
N GLU C 209 -24.59 45.96 -31.70
CA GLU C 209 -24.25 46.30 -30.32
C GLU C 209 -25.45 46.11 -29.39
N SER C 210 -26.66 46.38 -29.88
CA SER C 210 -27.85 46.14 -29.09
C SER C 210 -27.97 44.66 -28.71
N THR C 211 -27.71 43.76 -29.66
CA THR C 211 -27.72 42.33 -29.35
C THR C 211 -26.70 42.01 -28.27
N VAL C 212 -25.52 42.62 -28.34
CA VAL C 212 -24.46 42.31 -27.38
C VAL C 212 -24.86 42.79 -26.00
N ASN C 213 -25.46 43.98 -25.91
CA ASN C 213 -25.88 44.49 -24.61
C ASN C 213 -27.04 43.69 -24.03
N PHE C 214 -27.95 43.21 -24.89
CA PHE C 214 -29.00 42.33 -24.38
C PHE C 214 -28.43 41.00 -23.88
N HIS C 215 -27.43 40.47 -24.58
CA HIS C 215 -26.77 39.26 -24.10
C HIS C 215 -26.11 39.52 -22.74
N HIS C 216 -25.48 40.68 -22.60
CA HIS C 216 -24.96 41.07 -21.29
C HIS C 216 -26.06 41.08 -20.23
N LYS C 217 -27.22 41.65 -20.58
CA LYS C 217 -28.32 41.72 -19.62
C LYS C 217 -28.77 40.32 -19.18
N ASN C 218 -28.99 39.43 -20.15
CA ASN C 218 -29.28 38.03 -19.81
C ASN C 218 -28.22 37.43 -18.89
N ILE C 219 -26.96 37.59 -19.25
CA ILE C 219 -25.87 37.01 -18.46
C ILE C 219 -25.96 37.52 -17.03
N GLN C 220 -26.12 38.84 -16.88
CA GLN C 220 -26.29 39.41 -15.55
C GLN C 220 -27.46 38.76 -14.82
N LYS C 221 -28.57 38.57 -15.52
CA LYS C 221 -29.76 37.98 -14.90
C LYS C 221 -29.47 36.57 -14.38
N LYS C 222 -28.65 35.81 -15.11
CA LYS C 222 -28.36 34.44 -14.66
C LYS C 222 -27.54 34.44 -13.39
N PHE C 223 -26.51 35.29 -13.33
CA PHE C 223 -25.62 35.36 -12.17
C PHE C 223 -26.25 36.11 -11.00
N ASP C 224 -27.45 36.67 -11.16
CA ASP C 224 -28.02 37.58 -10.19
C ASP C 224 -27.04 38.73 -9.91
N ALA C 225 -26.51 39.30 -11.00
CA ALA C 225 -25.44 40.28 -10.91
C ALA C 225 -25.93 41.67 -11.31
N PRO C 226 -25.38 42.73 -10.72
CA PRO C 226 -25.84 44.08 -11.06
C PRO C 226 -25.09 44.71 -12.23
N ASN C 227 -23.95 44.16 -12.60
CA ASN C 227 -23.15 44.71 -13.68
C ASN C 227 -22.37 43.60 -14.37
N LYS C 228 -21.53 43.99 -15.33
CA LYS C 228 -20.74 43.03 -16.09
C LYS C 228 -19.53 42.54 -15.31
N THR C 229 -19.02 43.36 -14.38
CA THR C 229 -17.81 42.99 -13.64
C THR C 229 -18.06 41.76 -12.78
N LEU C 230 -19.17 41.75 -12.04
CA LEU C 230 -19.48 40.59 -11.20
C LEU C 230 -19.63 39.33 -12.05
N ALA C 231 -20.33 39.44 -13.18
CA ALA C 231 -20.51 38.28 -14.05
C ALA C 231 -19.17 37.75 -14.51
N ALA C 232 -18.31 38.63 -15.04
CA ALA C 232 -17.01 38.18 -15.54
C ALA C 232 -16.18 37.56 -14.42
N ALA C 233 -16.15 38.19 -13.25
CA ALA C 233 -15.32 37.69 -12.17
C ALA C 233 -15.80 36.34 -11.67
N TYR C 234 -17.11 36.18 -11.47
CA TYR C 234 -17.64 34.90 -10.99
C TYR C 234 -17.47 33.82 -12.05
N ALA C 235 -17.60 34.16 -13.32
CA ALA C 235 -17.40 33.16 -14.36
C ALA C 235 -15.95 32.72 -14.41
N ALA C 236 -15.00 33.65 -14.26
CA ALA C 236 -13.60 33.28 -14.19
C ALA C 236 -13.32 32.42 -12.97
N ALA C 237 -13.96 32.73 -11.84
CA ALA C 237 -13.74 31.98 -10.62
C ALA C 237 -14.35 30.58 -10.69
N LEU C 238 -15.40 30.41 -11.48
CA LEU C 238 -16.11 29.14 -11.58
C LEU C 238 -15.65 28.30 -12.77
N GLY C 239 -14.70 28.79 -13.56
CA GLY C 239 -14.22 28.02 -14.68
C GLY C 239 -15.19 27.88 -15.83
N LEU C 240 -16.13 28.81 -15.96
CA LEU C 240 -17.12 28.74 -17.03
C LEU C 240 -16.60 29.32 -18.33
N ILE C 241 -15.54 30.13 -18.27
CA ILE C 241 -14.98 30.75 -19.46
C ILE C 241 -13.49 30.41 -19.55
N ASN D 3 4.22 -3.03 5.96
CA ASN D 3 3.20 -4.03 5.67
C ASN D 3 1.88 -3.34 5.38
N ASP D 4 1.75 -2.83 4.16
CA ASP D 4 0.61 -1.98 3.80
C ASP D 4 0.61 -1.70 2.31
N GLY D 5 1.13 -2.63 1.53
CA GLY D 5 1.24 -2.43 0.10
C GLY D 5 2.67 -2.21 -0.37
N GLY D 6 3.13 -3.05 -1.31
CA GLY D 6 4.45 -2.88 -1.90
C GLY D 6 4.58 -1.62 -2.75
N PHE D 7 3.45 -1.03 -3.13
CA PHE D 7 3.44 0.23 -3.87
C PHE D 7 3.99 1.35 -3.01
N LEU D 8 3.68 1.31 -1.71
CA LEU D 8 4.18 2.29 -0.77
C LEU D 8 5.69 2.42 -0.85
N LEU D 9 6.38 1.30 -1.08
CA LEU D 9 7.83 1.35 -1.21
C LEU D 9 8.24 2.19 -2.42
N TRP D 10 7.58 1.99 -3.56
CA TRP D 10 7.89 2.80 -4.72
C TRP D 10 7.66 4.28 -4.44
N TRP D 11 6.57 4.60 -3.74
CA TRP D 11 6.29 5.99 -3.40
C TRP D 11 7.41 6.58 -2.55
N ASP D 12 7.77 5.87 -1.48
CA ASP D 12 8.82 6.35 -0.59
C ASP D 12 10.14 6.53 -1.34
N GLY D 13 10.47 5.60 -2.23
CA GLY D 13 11.70 5.72 -2.98
C GLY D 13 11.70 6.91 -3.92
N LEU D 14 10.59 7.14 -4.62
CA LEU D 14 10.50 8.30 -5.50
C LEU D 14 10.65 9.60 -4.73
N ARG D 15 9.95 9.71 -3.58
CA ARG D 15 10.08 10.92 -2.78
C ARG D 15 11.54 11.12 -2.35
N SER D 16 12.18 10.07 -1.83
CA SER D 16 13.57 10.20 -1.40
C SER D 16 14.47 10.60 -2.55
N GLU D 17 14.17 10.12 -3.76
CA GLU D 17 14.97 10.48 -4.92
C GLU D 17 14.76 11.93 -5.35
N MET D 18 13.56 12.47 -5.14
CA MET D 18 13.26 13.78 -5.70
C MET D 18 13.38 14.93 -4.72
N GLN D 19 13.43 14.68 -3.40
CA GLN D 19 13.57 15.81 -2.48
C GLN D 19 14.93 16.48 -2.58
N PRO D 20 16.06 15.77 -2.54
CA PRO D 20 17.36 16.46 -2.50
C PRO D 20 17.70 17.20 -3.77
N ILE D 21 16.93 17.04 -4.85
CA ILE D 21 17.24 17.69 -6.12
C ILE D 21 16.77 19.14 -6.06
N HIS D 22 17.67 20.08 -6.37
CA HIS D 22 17.34 21.50 -6.40
C HIS D 22 17.47 22.08 -7.80
N ASP D 23 17.46 21.25 -8.84
CA ASP D 23 17.57 21.72 -10.23
C ASP D 23 16.57 20.96 -11.08
N SER D 24 15.76 21.71 -11.84
CA SER D 24 14.61 21.14 -12.53
C SER D 24 15.01 20.06 -13.53
N GLN D 25 16.14 20.23 -14.20
CA GLN D 25 16.55 19.26 -15.20
C GLN D 25 16.61 17.86 -14.61
N GLY D 26 17.14 17.73 -13.39
CA GLY D 26 17.17 16.44 -12.74
C GLY D 26 15.79 15.90 -12.38
N VAL D 27 14.87 16.79 -12.02
CA VAL D 27 13.49 16.38 -11.77
C VAL D 27 12.90 15.73 -13.01
N PHE D 28 12.99 16.42 -14.15
CA PHE D 28 12.49 15.86 -15.40
C PHE D 28 13.21 14.55 -15.74
N ALA D 29 14.51 14.47 -15.43
CA ALA D 29 15.25 13.24 -15.70
C ALA D 29 14.71 12.08 -14.89
N VAL D 30 14.44 12.30 -13.61
CA VAL D 30 13.84 11.25 -12.77
C VAL D 30 12.48 10.85 -13.34
N LEU D 31 11.72 11.83 -13.82
CA LEU D 31 10.42 11.51 -14.42
C LEU D 31 10.61 10.56 -15.59
N GLU D 32 11.57 10.86 -16.46
CA GLU D 32 11.87 9.97 -17.59
C GLU D 32 12.28 8.59 -17.10
N LYS D 33 13.12 8.54 -16.07
CA LYS D 33 13.55 7.26 -15.52
C LYS D 33 12.34 6.39 -15.17
N GLU D 34 11.43 6.94 -14.37
CA GLU D 34 10.29 6.14 -13.93
C GLU D 34 9.36 5.80 -15.10
N VAL D 35 9.18 6.73 -16.03
CA VAL D 35 8.30 6.48 -17.17
C VAL D 35 8.82 5.30 -17.98
N ARG D 36 10.11 5.31 -18.30
CA ARG D 36 10.70 4.22 -19.06
C ARG D 36 10.70 2.93 -18.25
N ARG D 37 10.91 3.03 -16.94
CA ARG D 37 10.83 1.85 -16.09
C ARG D 37 9.44 1.20 -16.16
N LEU D 38 8.41 2.00 -16.41
CA LEU D 38 7.07 1.42 -16.52
C LEU D 38 6.89 0.70 -17.85
N GLY D 39 7.47 1.23 -18.93
CA GLY D 39 7.38 0.57 -20.22
C GLY D 39 7.08 1.49 -21.38
N PHE D 40 6.98 2.79 -21.11
CA PHE D 40 6.71 3.77 -22.15
C PHE D 40 8.02 4.35 -22.68
N ASP D 41 7.94 4.97 -23.85
CA ASP D 41 9.11 5.50 -24.53
C ASP D 41 9.29 6.99 -24.29
N TYR D 42 8.22 7.77 -24.43
CA TYR D 42 8.32 9.21 -24.22
C TYR D 42 7.26 9.66 -23.21
N TYR D 43 7.44 10.89 -22.74
CA TYR D 43 6.51 11.52 -21.81
C TYR D 43 6.39 13.00 -22.13
N ALA D 44 5.49 13.66 -21.42
CA ALA D 44 5.29 15.10 -21.60
C ALA D 44 4.59 15.67 -20.38
N TYR D 45 4.83 16.95 -20.12
CA TYR D 45 4.22 17.67 -19.02
C TYR D 45 3.79 19.03 -19.55
N GLY D 46 2.49 19.33 -19.43
CA GLY D 46 1.92 20.55 -19.97
C GLY D 46 1.24 21.38 -18.90
N VAL D 47 1.32 22.69 -19.06
CA VAL D 47 0.67 23.66 -18.19
C VAL D 47 -0.21 24.54 -19.07
N ARG D 48 -1.51 24.48 -18.85
CA ARG D 48 -2.47 25.36 -19.51
C ARG D 48 -2.88 26.43 -18.51
N HIS D 49 -2.53 27.67 -18.80
CA HIS D 49 -3.00 28.82 -18.06
C HIS D 49 -4.43 29.14 -18.45
N THR D 50 -5.11 29.90 -17.60
CA THR D 50 -6.51 30.22 -17.82
C THR D 50 -6.72 31.43 -18.73
N ILE D 51 -5.71 32.27 -18.91
CA ILE D 51 -5.86 33.48 -19.71
C ILE D 51 -4.69 33.58 -20.69
N PRO D 52 -4.85 34.25 -21.84
CA PRO D 52 -6.10 34.85 -22.34
C PRO D 52 -7.20 33.81 -22.61
N PHE D 53 -8.43 34.13 -22.25
CA PHE D 53 -9.52 33.17 -22.38
C PHE D 53 -9.68 32.72 -23.83
N THR D 54 -9.48 33.64 -24.77
CA THR D 54 -9.58 33.29 -26.19
C THR D 54 -8.37 32.49 -26.65
N ARG D 55 -7.16 32.92 -26.27
CA ARG D 55 -5.92 32.24 -26.66
C ARG D 55 -5.16 31.90 -25.38
N PRO D 56 -5.53 30.82 -24.69
CA PRO D 56 -4.87 30.48 -23.42
C PRO D 56 -3.47 29.92 -23.62
N LYS D 57 -2.53 30.44 -22.82
CA LYS D 57 -1.15 29.97 -22.87
C LYS D 57 -1.11 28.48 -22.58
N THR D 58 -0.42 27.72 -23.42
CA THR D 58 -0.18 26.29 -23.16
C THR D 58 1.31 26.01 -23.32
N GLU D 59 2.04 25.96 -22.20
CA GLU D 59 3.47 25.66 -22.22
C GLU D 59 3.68 24.17 -21.93
N VAL D 60 4.78 23.62 -22.46
CA VAL D 60 5.01 22.18 -22.40
C VAL D 60 6.49 21.89 -22.26
N HIS D 61 6.81 20.71 -21.71
CA HIS D 61 8.19 20.25 -21.58
C HIS D 61 8.17 18.73 -21.53
N GLY D 62 9.03 18.08 -22.31
CA GLY D 62 8.97 16.64 -22.42
C GLY D 62 10.06 16.08 -23.32
N THR D 63 9.80 14.89 -23.87
CA THR D 63 10.80 14.17 -24.65
C THR D 63 10.24 13.63 -25.97
N TYR D 64 9.30 14.34 -26.60
CA TYR D 64 8.91 13.98 -27.95
C TYR D 64 9.94 14.47 -28.97
N PRO D 65 9.93 13.93 -30.19
CA PRO D 65 10.84 14.44 -31.22
C PRO D 65 10.65 15.94 -31.44
N LYS D 66 11.76 16.66 -31.50
CA LYS D 66 11.69 18.11 -31.61
C LYS D 66 10.88 18.56 -32.82
N ALA D 67 10.95 17.81 -33.92
CA ALA D 67 10.18 18.18 -35.11
C ALA D 67 8.69 18.20 -34.83
N TRP D 68 8.19 17.22 -34.07
CA TRP D 68 6.77 17.25 -33.77
C TRP D 68 6.43 18.41 -32.84
N LEU D 69 7.38 18.85 -32.01
CA LEU D 69 7.15 20.07 -31.23
C LEU D 69 7.00 21.27 -32.14
N GLU D 70 7.92 21.41 -33.10
CA GLU D 70 7.80 22.47 -34.11
C GLU D 70 6.41 22.43 -34.74
N ARG D 71 5.97 21.25 -35.16
CA ARG D 71 4.64 21.13 -35.78
C ARG D 71 3.54 21.50 -34.80
N TYR D 72 3.63 21.03 -33.56
CA TYR D 72 2.60 21.26 -32.56
C TYR D 72 2.38 22.75 -32.31
N GLN D 73 3.48 23.48 -32.09
CA GLN D 73 3.34 24.91 -31.81
C GLN D 73 2.99 25.67 -33.09
N MET D 74 3.53 25.24 -34.24
CA MET D 74 3.24 25.88 -35.50
C MET D 74 1.74 25.95 -35.76
N GLN D 75 1.04 24.83 -35.52
CA GLN D 75 -0.40 24.76 -35.71
C GLN D 75 -1.17 25.02 -34.41
N ASN D 76 -0.50 25.59 -33.42
CA ASN D 76 -1.09 25.84 -32.09
C ASN D 76 -2.03 24.71 -31.67
N TYR D 77 -1.52 23.49 -31.77
CA TYR D 77 -2.30 22.34 -31.30
C TYR D 77 -2.59 22.42 -29.81
N GLY D 78 -1.88 23.26 -29.06
CA GLY D 78 -2.11 23.33 -27.64
C GLY D 78 -3.46 23.92 -27.28
N ALA D 79 -4.06 24.69 -28.20
CA ALA D 79 -5.38 25.25 -27.95
C ALA D 79 -6.44 24.15 -27.93
N VAL D 80 -6.54 23.38 -29.02
CA VAL D 80 -7.57 22.36 -29.15
C VAL D 80 -6.93 20.97 -29.15
N ASP D 81 -6.22 20.64 -28.08
CA ASP D 81 -5.74 19.27 -27.87
C ASP D 81 -6.73 18.55 -26.96
N PRO D 82 -7.42 17.50 -27.43
CA PRO D 82 -8.44 16.89 -26.56
C PRO D 82 -7.86 16.32 -25.28
N ALA D 83 -6.65 15.76 -25.34
CA ALA D 83 -6.04 15.19 -24.14
C ALA D 83 -5.89 16.25 -23.05
N ILE D 84 -5.55 17.47 -23.44
CA ILE D 84 -5.41 18.55 -22.46
C ILE D 84 -6.78 19.07 -22.04
N LEU D 85 -7.69 19.23 -23.01
CA LEU D 85 -9.00 19.80 -22.71
C LEU D 85 -9.83 18.89 -21.81
N ASN D 86 -9.51 17.60 -21.76
CA ASN D 86 -10.23 16.72 -20.83
C ASN D 86 -10.10 17.21 -19.40
N GLY D 87 -8.96 17.79 -19.04
CA GLY D 87 -8.74 18.23 -17.68
C GLY D 87 -9.62 19.38 -17.26
N LEU D 88 -10.17 20.13 -18.21
CA LEU D 88 -11.04 21.25 -17.86
C LEU D 88 -12.33 20.78 -17.20
N ARG D 89 -12.76 19.55 -17.47
CA ARG D 89 -14.01 19.05 -16.91
C ARG D 89 -13.87 17.79 -16.05
N SER D 90 -12.73 17.09 -16.09
CA SER D 90 -12.61 15.84 -15.37
C SER D 90 -11.21 15.70 -14.80
N SER D 91 -11.12 14.98 -13.69
CA SER D 91 -9.87 14.61 -13.07
C SER D 91 -9.46 13.17 -13.37
N GLU D 92 -10.18 12.50 -14.26
CA GLU D 92 -9.91 11.10 -14.56
C GLU D 92 -8.88 10.98 -15.69
N MET D 93 -8.15 9.88 -15.67
CA MET D 93 -7.16 9.63 -16.72
C MET D 93 -7.84 9.32 -18.04
N VAL D 94 -7.13 9.63 -19.13
CA VAL D 94 -7.65 9.45 -20.48
C VAL D 94 -6.69 8.54 -21.24
N VAL D 95 -7.18 7.39 -21.67
CA VAL D 95 -6.42 6.50 -22.54
C VAL D 95 -6.66 6.93 -23.98
N TRP D 96 -5.58 7.09 -24.74
CA TRP D 96 -5.70 7.58 -26.10
C TRP D 96 -6.55 6.62 -26.93
N SER D 97 -7.50 7.18 -27.66
CA SER D 97 -8.48 6.40 -28.41
C SER D 97 -9.01 7.27 -29.54
N ASP D 98 -9.40 6.61 -30.64
CA ASP D 98 -9.91 7.35 -31.79
C ASP D 98 -11.09 8.23 -31.40
N SER D 99 -12.00 7.70 -30.58
CA SER D 99 -13.18 8.48 -30.19
C SER D 99 -12.78 9.79 -29.54
N LEU D 100 -11.74 9.77 -28.70
CA LEU D 100 -11.29 10.99 -28.05
C LEU D 100 -10.82 12.02 -29.08
N PHE D 101 -10.19 11.56 -30.15
CA PHE D 101 -9.59 12.45 -31.13
C PHE D 101 -10.47 12.68 -32.36
N ASP D 102 -11.73 12.21 -32.33
CA ASP D 102 -12.62 12.41 -33.47
C ASP D 102 -12.84 13.89 -33.74
N GLN D 103 -12.72 14.74 -32.72
CA GLN D 103 -12.99 16.16 -32.89
C GLN D 103 -11.80 16.89 -33.50
N SER D 104 -10.59 16.38 -33.31
CA SER D 104 -9.36 16.99 -33.82
C SER D 104 -8.55 15.90 -34.52
N ARG D 105 -9.02 15.48 -35.69
CA ARG D 105 -8.42 14.32 -36.34
C ARG D 105 -7.02 14.62 -36.86
N MET D 106 -6.77 15.86 -37.31
CA MET D 106 -5.46 16.18 -37.89
C MET D 106 -4.34 15.96 -36.87
N LEU D 107 -4.53 16.47 -35.65
CA LEU D 107 -3.55 16.28 -34.60
C LEU D 107 -3.27 14.80 -34.35
N TRP D 108 -4.33 14.01 -34.20
CA TRP D 108 -4.16 12.59 -33.91
C TRP D 108 -3.48 11.87 -35.07
N ASN D 109 -3.85 12.22 -36.30
CA ASN D 109 -3.24 11.60 -37.48
C ASN D 109 -1.74 11.88 -37.51
N GLU D 110 -1.37 13.15 -37.30
CA GLU D 110 0.05 13.49 -37.35
C GLU D 110 0.82 12.86 -36.19
N ALA D 111 0.24 12.86 -35.00
CA ALA D 111 0.89 12.20 -33.87
C ALA D 111 1.11 10.72 -34.16
N ARG D 112 0.10 10.06 -34.72
CA ARG D 112 0.25 8.66 -35.14
C ARG D 112 1.37 8.53 -36.16
N ASP D 113 1.49 9.50 -37.07
CA ASP D 113 2.56 9.45 -38.06
C ASP D 113 3.93 9.43 -37.40
N TRP D 114 4.07 10.10 -36.24
CA TRP D 114 5.33 10.15 -35.54
C TRP D 114 5.53 8.99 -34.57
N GLY D 115 4.69 7.96 -34.63
CA GLY D 115 4.83 6.79 -33.80
C GLY D 115 4.10 6.85 -32.47
N LEU D 116 3.65 8.03 -32.05
CA LEU D 116 2.91 8.18 -30.79
C LEU D 116 1.54 7.51 -30.89
N CYS D 117 1.53 6.20 -31.06
CA CYS D 117 0.29 5.48 -31.35
C CYS D 117 -0.48 5.07 -30.11
N VAL D 118 0.20 4.76 -29.00
CA VAL D 118 -0.47 4.41 -27.76
C VAL D 118 0.02 5.37 -26.67
N GLY D 119 -0.88 5.73 -25.77
CA GLY D 119 -0.50 6.62 -24.68
C GLY D 119 -1.68 6.95 -23.79
N ALA D 120 -1.38 7.73 -22.76
CA ALA D 120 -2.40 8.19 -21.82
C ALA D 120 -1.99 9.54 -21.26
N THR D 121 -2.97 10.22 -20.68
CA THR D 121 -2.80 11.58 -20.17
C THR D 121 -3.63 11.75 -18.91
N LEU D 122 -3.00 12.23 -17.85
CA LEU D 122 -3.65 12.43 -16.55
C LEU D 122 -3.62 13.90 -16.17
N PRO D 123 -4.77 14.49 -15.77
CA PRO D 123 -4.76 15.91 -15.38
C PRO D 123 -4.75 16.14 -13.88
N ILE D 124 -4.29 17.32 -13.47
CA ILE D 124 -4.32 17.74 -12.08
C ILE D 124 -4.34 19.27 -12.06
N ARG D 125 -4.96 19.81 -11.02
CA ARG D 125 -5.08 21.25 -10.83
C ARG D 125 -4.07 21.69 -9.78
N ALA D 126 -3.14 22.56 -10.17
CA ALA D 126 -2.21 23.10 -9.19
C ALA D 126 -2.97 24.01 -8.24
N PRO D 127 -2.43 24.28 -7.05
CA PRO D 127 -3.16 25.11 -6.09
C PRO D 127 -3.28 26.57 -6.49
N ASN D 128 -2.89 26.91 -7.72
CA ASN D 128 -2.95 28.28 -8.22
C ASN D 128 -3.74 28.35 -9.53
N ASN D 129 -4.79 27.53 -9.64
CA ASN D 129 -5.73 27.59 -10.76
C ASN D 129 -5.09 27.31 -12.11
N LEU D 130 -3.96 26.62 -12.13
CA LEU D 130 -3.29 26.23 -13.36
C LEU D 130 -3.65 24.78 -13.66
N LEU D 131 -3.74 24.44 -14.96
CA LEU D 131 -4.09 23.07 -15.35
C LEU D 131 -2.83 22.35 -15.81
N SER D 132 -2.28 21.49 -14.95
CA SER D 132 -1.11 20.71 -15.33
C SER D 132 -1.54 19.30 -15.74
N VAL D 133 -0.82 18.73 -16.69
CA VAL D 133 -1.18 17.44 -17.28
C VAL D 133 0.09 16.66 -17.56
N LEU D 134 0.03 15.34 -17.38
CA LEU D 134 1.16 14.44 -17.57
C LEU D 134 0.77 13.34 -18.55
N SER D 135 1.52 13.24 -19.65
CA SER D 135 1.25 12.25 -20.68
C SER D 135 2.41 11.28 -20.80
N VAL D 136 2.08 10.03 -21.14
CA VAL D 136 3.07 9.01 -21.45
C VAL D 136 2.67 8.34 -22.75
N ALA D 137 3.67 7.89 -23.53
CA ALA D 137 3.37 7.34 -24.85
C ALA D 137 4.43 6.34 -25.29
N ARG D 138 3.96 5.33 -26.03
CA ARG D 138 4.80 4.35 -26.70
C ARG D 138 4.11 4.02 -28.03
N ASP D 139 4.66 3.06 -28.76
CA ASP D 139 4.32 2.87 -30.17
C ASP D 139 3.52 1.62 -30.51
N GLN D 140 3.77 0.46 -29.88
CA GLN D 140 3.27 -0.79 -30.43
C GLN D 140 2.34 -1.59 -29.53
N GLN D 141 2.33 -1.35 -28.22
CA GLN D 141 1.54 -2.16 -27.30
C GLN D 141 0.37 -1.38 -26.75
N ASN D 142 -0.83 -1.94 -26.89
CA ASN D 142 -2.02 -1.34 -26.31
C ASN D 142 -2.00 -1.49 -24.80
N ILE D 143 -2.65 -0.56 -24.11
CA ILE D 143 -2.68 -0.53 -22.65
C ILE D 143 -3.57 -1.68 -22.19
N SER D 144 -2.99 -2.66 -21.52
CA SER D 144 -3.78 -3.74 -20.95
C SER D 144 -4.54 -3.24 -19.71
N SER D 145 -5.57 -4.01 -19.33
CA SER D 145 -6.52 -3.53 -18.34
C SER D 145 -5.87 -3.28 -16.98
N PHE D 146 -5.27 -4.31 -16.39
CA PHE D 146 -4.72 -4.16 -15.03
C PHE D 146 -3.62 -3.10 -14.99
N GLU D 147 -2.73 -3.12 -15.99
CA GLU D 147 -1.68 -2.11 -16.02
C GLU D 147 -2.27 -0.73 -16.20
N ARG D 148 -3.45 -0.61 -16.82
CA ARG D 148 -4.04 0.72 -16.95
C ARG D 148 -4.24 1.37 -15.59
N GLU D 149 -4.89 0.65 -14.66
CA GLU D 149 -5.14 1.21 -13.34
C GLU D 149 -3.83 1.41 -12.57
N GLU D 150 -2.94 0.41 -12.59
CA GLU D 150 -1.66 0.60 -11.92
C GLU D 150 -0.97 1.88 -12.41
N ILE D 151 -0.86 2.01 -13.73
CA ILE D 151 -0.30 3.21 -14.34
C ILE D 151 -1.02 4.44 -13.79
N ARG D 152 -2.32 4.53 -14.01
CA ARG D 152 -3.11 5.66 -13.54
C ARG D 152 -2.67 6.12 -12.16
N LEU D 153 -2.60 5.20 -11.21
CA LEU D 153 -2.20 5.59 -9.86
C LEU D 153 -0.78 6.15 -9.86
N ARG D 154 0.15 5.46 -10.51
CA ARG D 154 1.54 5.92 -10.50
C ARG D 154 1.66 7.31 -11.10
N LEU D 155 0.97 7.54 -12.22
CA LEU D 155 0.98 8.84 -12.87
C LEU D 155 0.42 9.93 -11.96
N ARG D 156 -0.68 9.63 -11.27
CA ARG D 156 -1.24 10.60 -10.33
C ARG D 156 -0.19 11.00 -9.29
N CYS D 157 0.42 10.01 -8.65
CA CYS D 157 1.43 10.31 -7.64
C CYS D 157 2.57 11.14 -8.23
N MET D 158 3.07 10.72 -9.39
CA MET D 158 4.23 11.38 -9.98
C MET D 158 3.91 12.84 -10.32
N ILE D 159 2.75 13.10 -10.91
CA ILE D 159 2.44 14.47 -11.29
C ILE D 159 2.20 15.33 -10.06
N GLU D 160 1.55 14.78 -9.02
CA GLU D 160 1.40 15.54 -7.78
C GLU D 160 2.75 15.99 -7.27
N LEU D 161 3.67 15.04 -7.09
CA LEU D 161 4.99 15.38 -6.55
C LEU D 161 5.75 16.29 -7.50
N LEU D 162 5.55 16.13 -8.81
CA LEU D 162 6.26 16.95 -9.78
C LEU D 162 5.84 18.41 -9.70
N THR D 163 4.52 18.66 -9.73
CA THR D 163 4.06 20.03 -9.61
C THR D 163 4.52 20.63 -8.28
N GLN D 164 4.45 19.86 -7.19
CA GLN D 164 4.94 20.36 -5.92
C GLN D 164 6.41 20.77 -6.00
N LYS D 165 7.26 19.88 -6.52
CA LYS D 165 8.69 20.15 -6.49
C LYS D 165 9.05 21.28 -7.45
N LEU D 166 8.38 21.39 -8.59
CA LEU D 166 8.68 22.47 -9.53
C LEU D 166 8.18 23.81 -9.01
N THR D 167 7.07 23.83 -8.29
CA THR D 167 6.67 25.06 -7.59
C THR D 167 7.69 25.41 -6.52
N ASP D 168 8.18 24.42 -5.79
CA ASP D 168 9.23 24.64 -4.81
C ASP D 168 10.52 25.10 -5.46
N LEU D 169 10.71 24.80 -6.74
CA LEU D 169 11.88 25.22 -7.49
C LEU D 169 11.63 26.48 -8.31
N GLU D 170 10.41 27.01 -8.27
CA GLU D 170 10.05 28.26 -8.94
C GLU D 170 10.42 28.21 -10.42
N HIS D 171 9.80 27.27 -11.13
CA HIS D 171 9.99 27.15 -12.56
C HIS D 171 9.27 28.29 -13.27
N PRO D 172 9.81 28.76 -14.41
CA PRO D 172 9.11 29.84 -15.13
C PRO D 172 7.82 29.38 -15.78
N MET D 173 7.78 28.12 -16.24
CA MET D 173 6.57 27.62 -16.90
C MET D 173 5.38 27.63 -15.96
N LEU D 174 5.61 27.41 -14.66
CA LEU D 174 4.53 27.50 -13.70
C LEU D 174 4.29 28.93 -13.27
N MET D 175 5.31 29.78 -13.37
CA MET D 175 5.16 31.19 -13.01
C MET D 175 4.04 31.83 -13.81
N SER D 176 3.30 32.72 -13.17
CA SER D 176 2.23 33.47 -13.81
C SER D 176 2.53 34.97 -13.73
N ASN D 177 1.68 35.74 -14.41
CA ASN D 177 1.80 37.20 -14.47
C ASN D 177 2.07 37.79 -13.09
N PRO D 178 3.26 38.36 -12.86
CA PRO D 178 3.59 38.85 -11.51
C PRO D 178 2.92 40.15 -11.10
N VAL D 179 1.85 40.03 -10.30
CA VAL D 179 1.11 41.18 -9.77
C VAL D 179 0.91 40.95 -8.27
N CYS D 180 1.32 41.95 -7.47
CA CYS D 180 1.19 41.89 -6.02
C CYS D 180 0.31 43.04 -5.53
N LEU D 181 -0.70 42.71 -4.71
CA LEU D 181 -1.58 43.70 -4.12
C LEU D 181 -1.49 43.71 -2.60
N SER D 182 -1.64 44.90 -2.02
CA SER D 182 -1.69 45.06 -0.58
C SER D 182 -3.09 44.71 -0.06
N HIS D 183 -3.18 44.53 1.26
CA HIS D 183 -4.44 44.17 1.88
C HIS D 183 -5.56 45.15 1.52
N ARG D 184 -5.27 46.45 1.55
CA ARG D 184 -6.32 47.44 1.29
C ARG D 184 -6.84 47.32 -0.14
N GLU D 185 -5.95 47.38 -1.14
CA GLU D 185 -6.39 47.27 -2.52
C GLU D 185 -6.95 45.89 -2.83
N ARG D 186 -6.40 44.84 -2.20
CA ARG D 186 -6.95 43.51 -2.39
C ARG D 186 -8.38 43.43 -1.89
N GLU D 187 -8.66 44.03 -0.73
CA GLU D 187 -10.02 44.03 -0.18
C GLU D 187 -10.94 44.88 -1.04
N ILE D 188 -10.43 45.99 -1.57
CA ILE D 188 -11.22 46.81 -2.50
C ILE D 188 -11.63 45.99 -3.71
N LEU D 189 -10.68 45.22 -4.25
CA LEU D 189 -10.99 44.38 -5.42
C LEU D 189 -11.93 43.23 -5.04
N GLN D 190 -11.79 42.69 -3.83
CA GLN D 190 -12.77 41.70 -3.36
C GLN D 190 -14.17 42.27 -3.38
N TRP D 191 -14.33 43.49 -2.87
CA TRP D 191 -15.64 44.12 -2.86
C TRP D 191 -16.14 44.42 -4.27
N THR D 192 -15.27 44.94 -5.14
CA THR D 192 -15.70 45.26 -6.50
C THR D 192 -16.13 44.01 -7.25
N ALA D 193 -15.35 42.93 -7.12
CA ALA D 193 -15.70 41.65 -7.74
C ALA D 193 -16.94 41.02 -7.14
N ASP D 194 -17.43 41.51 -6.01
CA ASP D 194 -18.72 41.10 -5.47
C ASP D 194 -19.87 41.97 -5.96
N GLY D 195 -19.59 42.97 -6.81
CA GLY D 195 -20.63 43.76 -7.44
C GLY D 195 -20.85 45.13 -6.85
N LYS D 196 -20.04 45.53 -5.88
CA LYS D 196 -20.23 46.82 -5.22
C LYS D 196 -19.74 47.95 -6.11
N SER D 197 -20.41 49.09 -6.00
CA SER D 197 -19.99 50.28 -6.72
C SER D 197 -18.94 51.05 -5.93
N SER D 198 -18.37 52.07 -6.57
CA SER D 198 -17.34 52.87 -5.91
C SER D 198 -17.86 53.47 -4.60
N GLY D 199 -19.07 54.02 -4.63
CA GLY D 199 -19.61 54.65 -3.44
C GLY D 199 -19.85 53.67 -2.31
N GLU D 200 -20.39 52.49 -2.63
CA GLU D 200 -20.66 51.49 -1.59
C GLU D 200 -19.36 51.01 -0.96
N ILE D 201 -18.32 50.81 -1.78
CA ILE D 201 -17.02 50.42 -1.25
C ILE D 201 -16.47 51.51 -0.35
N ALA D 202 -16.52 52.77 -0.81
CA ALA D 202 -16.05 53.88 0.02
C ALA D 202 -16.78 53.92 1.34
N ILE D 203 -18.09 53.68 1.33
CA ILE D 203 -18.87 53.66 2.57
C ILE D 203 -18.35 52.56 3.49
N ILE D 204 -18.20 51.34 2.96
CA ILE D 204 -17.87 50.21 3.79
C ILE D 204 -16.47 50.37 4.39
N LEU D 205 -15.51 50.80 3.58
CA LEU D 205 -14.14 50.95 4.05
C LEU D 205 -13.90 52.26 4.80
N SER D 206 -14.91 53.13 4.90
CA SER D 206 -14.78 54.39 5.63
C SER D 206 -13.71 55.30 5.02
N ILE D 207 -13.70 55.38 3.68
CA ILE D 207 -12.85 56.30 2.94
C ILE D 207 -13.69 56.99 1.87
N SER D 208 -13.08 57.92 1.15
CA SER D 208 -13.79 58.71 0.15
C SER D 208 -13.90 57.95 -1.16
N GLU D 209 -14.88 58.38 -1.98
CA GLU D 209 -15.10 57.73 -3.28
C GLU D 209 -14.00 58.09 -4.28
N SER D 210 -13.48 59.32 -4.20
CA SER D 210 -12.34 59.68 -5.05
C SER D 210 -11.16 58.77 -4.74
N THR D 211 -10.92 58.50 -3.45
CA THR D 211 -9.88 57.57 -3.07
C THR D 211 -10.12 56.19 -3.69
N VAL D 212 -11.37 55.74 -3.71
CA VAL D 212 -11.67 54.41 -4.22
C VAL D 212 -11.46 54.34 -5.73
N ASN D 213 -11.85 55.37 -6.47
CA ASN D 213 -11.63 55.36 -7.91
C ASN D 213 -10.14 55.50 -8.25
N PHE D 214 -9.40 56.27 -7.44
CA PHE D 214 -7.95 56.33 -7.58
C PHE D 214 -7.33 54.97 -7.32
N HIS D 215 -7.85 54.23 -6.34
CA HIS D 215 -7.41 52.87 -6.10
C HIS D 215 -7.72 51.96 -7.30
N HIS D 216 -8.90 52.13 -7.89
CA HIS D 216 -9.23 51.40 -9.11
C HIS D 216 -8.19 51.65 -10.18
N LYS D 217 -7.82 52.91 -10.39
CA LYS D 217 -6.79 53.23 -11.38
C LYS D 217 -5.48 52.55 -11.02
N ASN D 218 -5.13 52.58 -9.73
CA ASN D 218 -3.95 51.87 -9.25
C ASN D 218 -3.98 50.42 -9.73
N ILE D 219 -5.09 49.73 -9.48
CA ILE D 219 -5.20 48.32 -9.82
C ILE D 219 -5.10 48.11 -11.33
N GLN D 220 -5.90 48.87 -12.11
CA GLN D 220 -5.86 48.75 -13.55
C GLN D 220 -4.45 48.91 -14.11
N LYS D 221 -3.68 49.85 -13.58
CA LYS D 221 -2.35 50.11 -14.13
C LYS D 221 -1.49 48.85 -14.12
N LYS D 222 -1.63 48.00 -13.10
CA LYS D 222 -0.79 46.81 -13.01
C LYS D 222 -1.15 45.77 -14.05
N PHE D 223 -2.44 45.51 -14.25
CA PHE D 223 -2.87 44.48 -15.19
C PHE D 223 -2.77 44.91 -16.65
N ASP D 224 -2.40 46.16 -16.94
CA ASP D 224 -2.51 46.69 -18.30
C ASP D 224 -3.94 46.48 -18.80
N ALA D 225 -4.90 46.89 -17.96
CA ALA D 225 -6.30 46.61 -18.22
C ALA D 225 -7.04 47.89 -18.61
N PRO D 226 -8.06 47.78 -19.46
CA PRO D 226 -8.77 49.00 -19.91
C PRO D 226 -9.92 49.40 -19.01
N ASN D 227 -10.41 48.47 -18.19
CA ASN D 227 -11.53 48.76 -17.31
C ASN D 227 -11.43 47.86 -16.07
N LYS D 228 -12.45 47.93 -15.22
CA LYS D 228 -12.47 47.17 -13.98
C LYS D 228 -12.84 45.70 -14.20
N THR D 229 -13.60 45.40 -15.27
CA THR D 229 -14.04 44.04 -15.50
C THR D 229 -12.86 43.10 -15.79
N LEU D 230 -11.94 43.54 -16.64
CA LEU D 230 -10.76 42.72 -16.93
C LEU D 230 -9.96 42.46 -15.67
N ALA D 231 -9.76 43.50 -14.86
CA ALA D 231 -9.01 43.33 -13.62
C ALA D 231 -9.68 42.30 -12.72
N ALA D 232 -10.99 42.44 -12.50
CA ALA D 232 -11.69 41.51 -11.63
C ALA D 232 -11.60 40.07 -12.16
N ALA D 233 -11.80 39.89 -13.47
CA ALA D 233 -11.80 38.54 -14.02
C ALA D 233 -10.42 37.91 -13.92
N TYR D 234 -9.37 38.67 -14.24
CA TYR D 234 -8.02 38.12 -14.17
C TYR D 234 -7.62 37.84 -12.72
N ALA D 235 -8.08 38.67 -11.78
CA ALA D 235 -7.77 38.42 -10.38
C ALA D 235 -8.48 37.16 -9.89
N ALA D 236 -9.73 36.96 -10.29
CA ALA D 236 -10.43 35.74 -9.92
C ALA D 236 -9.78 34.50 -10.54
N ALA D 237 -9.31 34.62 -11.79
CA ALA D 237 -8.71 33.47 -12.46
C ALA D 237 -7.36 33.11 -11.86
N LEU D 238 -6.68 34.08 -11.26
CA LEU D 238 -5.34 33.87 -10.70
C LEU D 238 -5.35 33.53 -9.22
N GLY D 239 -6.52 33.48 -8.59
CA GLY D 239 -6.59 33.14 -7.18
C GLY D 239 -6.05 34.20 -6.24
N LEU D 240 -6.05 35.46 -6.67
CA LEU D 240 -5.52 36.55 -5.86
C LEU D 240 -6.53 37.13 -4.89
N ILE D 241 -7.82 36.92 -5.10
CA ILE D 241 -8.84 37.43 -4.19
C ILE D 241 -9.73 36.29 -3.70
FE FE E . -8.41 -22.52 22.57
FE FE F . -10.82 -21.41 20.64
FE FE G . 21.80 -20.25 -8.25
FE FE H . 23.61 -17.96 -6.24
BR1 K5G I . -19.86 17.64 10.83
C02 K5G I . -18.44 18.89 10.98
C03 K5G I . -17.46 18.91 10.01
C04 K5G I . -16.42 19.81 10.15
C18 K5G I . -16.34 20.64 11.25
C19 K5G I . -17.34 20.60 12.20
C20 K5G I . -18.41 19.72 12.07
O05 K5G I . -15.50 19.80 9.12
C06 K5G I . -14.30 20.56 9.28
C07 K5G I . -13.52 20.41 8.00
C08 K5G I . -12.05 20.78 8.13
C09 K5G I . -11.37 20.10 9.30
O10 K5G I . -11.26 18.88 9.36
N11 K5G I . -10.94 20.91 10.27
C12 K5G I . -10.39 20.39 11.51
C13 K5G I . -9.47 21.36 12.27
C14 K5G I . -9.28 20.75 13.65
S15 K5G I . -10.91 20.18 14.16
C16 K5G I . -11.51 20.10 12.50
O17 K5G I . -12.65 19.85 12.20
H1 K5G I . -17.51 18.25 9.15
H2 K5G I . -15.52 21.34 11.42
H3 K5G I . -17.29 21.25 13.07
H4 K5G I . -19.19 19.71 12.82
H5 K5G I . -13.71 20.19 10.12
H6 K5G I . -14.52 21.61 9.46
H7 K5G I . -13.61 19.39 7.63
H8 K5G I . -11.54 20.53 7.20
H9 K5G I . -10.99 21.93 10.18
H10 K5G I . -9.84 19.47 11.33
H11 K5G I . -9.89 22.37 12.33
H12 K5G I . -8.51 21.50 11.76
H13 K5G I . -8.89 21.46 14.38
H14 K5G I . -8.58 19.91 13.65
H15 K5G I . -13.98 21.01 7.21
H16 K5G I . -11.97 21.86 8.21
BR1 K5G J . 8.93 18.34 -25.33
C02 K5G J . 7.12 18.50 -25.86
C03 K5G J . 6.18 17.63 -25.35
C04 K5G J . 4.87 17.73 -25.79
C18 K5G J . 4.51 18.67 -26.74
C19 K5G J . 5.47 19.54 -27.22
C20 K5G J . 6.77 19.47 -26.78
O05 K5G J . 3.81 17.03 -25.26
C06 K5G J . 2.90 17.73 -24.41
C07 K5G J . 1.82 18.35 -25.25
C08 K5G J . 0.43 17.83 -24.89
C09 K5G J . 0.28 16.35 -25.17
O10 K5G J . 0.89 15.51 -24.51
N11 K5G J . -0.54 16.04 -26.17
C12 K5G J . -0.72 14.68 -26.64
C13 K5G J . -2.01 14.48 -27.45
C14 K5G J . -1.86 13.12 -28.12
S15 K5G J . -0.16 13.04 -28.72
C16 K5G J . 0.40 14.27 -27.58
O17 K5G J . 1.52 14.70 -27.55
H1 K5G J . 6.46 16.87 -24.62
H2 K5G J . 3.50 18.76 -27.14
H3 K5G J . 5.18 20.29 -27.95
H4 K5G J . 7.51 20.18 -27.15
H5 K5G J . 3.43 18.50 -23.84
H6 K5G J . 2.46 17.04 -23.68
H7 K5G J . 1.84 19.44 -25.14
H8 K5G J . -0.30 18.41 -25.43
H9 K5G J . -1.08 16.75 -26.65
H10 K5G J . -0.68 13.95 -25.82
H11 K5G J . -2.16 15.27 -28.17
H12 K5G J . -2.89 14.52 -26.81
H13 K5G J . -2.05 12.29 -27.45
H14 K5G J . -2.55 12.99 -28.96
H15 K5G J . 2.02 18.18 -26.30
H16 K5G J . 0.24 18.05 -23.84
#